data_1SMA
#
_entry.id   1SMA
#
_cell.length_a   118.370
_cell.length_b   118.370
_cell.length_c   266.700
_cell.angle_alpha   90.00
_cell.angle_beta   90.00
_cell.angle_gamma   120.00
#
_symmetry.space_group_name_H-M   'P 61'
#
loop_
_entity.id
_entity.type
_entity.pdbx_description
1 polymer 'MALTOGENIC AMYLASE'
2 water water
#
_entity_poly.entity_id   1
_entity_poly.type   'polypeptide(L)'
_entity_poly.pdbx_seq_one_letter_code
;MRKEAIHHRSTDNFAYAYDSETLHLRLQTKKNDVDHVELLFGDPYEWHDGAWQFQTMPMRKTGSDGLFDYWLAEVKPPYR
RLRYGFVLRAGGEKLVYTEKGFYHEAPSDDTAYYFCFPFLHRVDLFQAPDWVKDTVWYQIFPERFANGNPAISPKGARPW
GSEDPTPTSFFGGDLQGIIDHLDYLADLGITGIYLTPIFRAPSNHKYDTADYFEIDPHFGDKETLKTLVKRCHEKGIRVM
LDAVFNHCGYEFAPFQDVLKNGAASRYKDWFHIREFPLQTEPRPNYDTFAFVPHMPKLNTAHPEVKRYLLDVATYWIREF
DIDGWRLDVANEIDHQFWREFRQAVKALKPDVYILGEIWHDAMPWLRGDQFDAVMNYPLADAALRFFAKEDMSASEFADR
LMHVLHSYPKQVNEAAFNLLGSHDTPRLLTVCGGDVRKVKLLFLFQLTFTGSPCIYYGDEIGMTGGNDPECRKCMVWDPE
KQNKELYEHVKQLIALRKQYRALRRGDVAFLTADDEVNHLVYAKTDGNETVMIIINRSNEAAEIPMPIDARGKWLVNLLT
GERFAAEAETLCVSLPPYGFVLYAVESW
;
_entity_poly.pdbx_strand_id   A,B
#
# COMPACT_ATOMS: atom_id res chain seq x y z
N MET A 1 -29.53 4.94 0.75
CA MET A 1 -28.27 5.13 -0.02
C MET A 1 -27.17 4.15 0.43
N ARG A 2 -27.52 2.87 0.48
CA ARG A 2 -26.60 1.79 0.89
C ARG A 2 -25.16 2.22 1.19
N LYS A 3 -24.82 2.28 2.48
CA LYS A 3 -23.49 2.69 2.89
C LYS A 3 -22.44 1.59 2.78
N GLU A 4 -22.89 0.35 2.63
CA GLU A 4 -21.95 -0.77 2.50
C GLU A 4 -21.16 -0.65 1.21
N ALA A 5 -21.75 0.01 0.22
CA ALA A 5 -21.12 0.18 -1.08
C ALA A 5 -20.12 1.33 -1.13
N ILE A 6 -20.43 2.41 -0.43
CA ILE A 6 -19.53 3.56 -0.40
C ILE A 6 -18.21 3.20 0.27
N HIS A 7 -17.11 3.78 -0.22
CA HIS A 7 -15.80 3.51 0.35
C HIS A 7 -14.70 4.35 -0.25
N HIS A 8 -13.72 4.68 0.60
CA HIS A 8 -12.55 5.43 0.19
C HIS A 8 -11.42 5.17 1.17
N ARG A 9 -10.19 5.47 0.75
CA ARG A 9 -9.01 5.31 1.59
C ARG A 9 -7.96 6.25 1.06
N SER A 10 -7.21 6.88 1.96
CA SER A 10 -6.19 7.83 1.54
C SER A 10 -4.93 7.15 1.03
N THR A 11 -5.08 6.00 0.38
CA THR A 11 -3.91 5.30 -0.16
C THR A 11 -4.20 4.60 -1.49
N ASP A 12 -3.12 4.31 -2.21
CA ASP A 12 -3.19 3.64 -3.50
C ASP A 12 -4.05 4.31 -4.58
N ASN A 13 -4.83 3.52 -5.30
CA ASN A 13 -5.68 4.00 -6.39
C ASN A 13 -6.81 4.90 -6.00
N PHE A 14 -7.30 4.77 -4.77
CA PHE A 14 -8.41 5.61 -4.33
C PHE A 14 -7.95 7.05 -4.08
N ALA A 15 -6.67 7.22 -3.82
CA ALA A 15 -6.10 8.55 -3.56
C ALA A 15 -4.60 8.52 -3.80
N TYR A 16 -4.14 9.37 -4.71
CA TYR A 16 -2.73 9.44 -5.05
C TYR A 16 -2.46 10.76 -5.76
N ALA A 17 -1.20 11.03 -6.08
CA ALA A 17 -0.84 12.26 -6.78
C ALA A 17 -0.50 11.95 -8.24
N TYR A 18 -1.11 12.70 -9.16
CA TYR A 18 -0.88 12.51 -10.59
C TYR A 18 0.42 13.18 -10.97
N ASP A 19 0.52 14.46 -10.67
CA ASP A 19 1.73 15.22 -10.93
C ASP A 19 2.14 15.91 -9.64
N SER A 20 3.21 16.70 -9.69
CA SER A 20 3.70 17.37 -8.49
C SER A 20 2.78 18.49 -8.01
N GLU A 21 1.58 18.59 -8.59
CA GLU A 21 0.67 19.64 -8.17
C GLU A 21 -0.80 19.22 -8.13
N THR A 22 -1.11 18.03 -8.64
CA THR A 22 -2.49 17.56 -8.68
C THR A 22 -2.71 16.21 -7.98
N LEU A 23 -3.86 16.08 -7.32
CA LEU A 23 -4.22 14.86 -6.63
C LEU A 23 -5.45 14.25 -7.30
N HIS A 24 -5.56 12.94 -7.22
CA HIS A 24 -6.70 12.21 -7.79
C HIS A 24 -7.37 11.49 -6.62
N LEU A 25 -8.61 11.86 -6.32
CA LEU A 25 -9.33 11.24 -5.23
C LEU A 25 -10.61 10.59 -5.75
N ARG A 26 -10.62 9.25 -5.79
CA ARG A 26 -11.77 8.50 -6.29
C ARG A 26 -12.64 7.87 -5.22
N LEU A 27 -13.95 8.02 -5.40
CA LEU A 27 -14.94 7.49 -4.46
C LEU A 27 -15.77 6.39 -5.10
N GLN A 28 -15.83 5.25 -4.44
CA GLN A 28 -16.62 4.12 -4.92
C GLN A 28 -17.96 4.08 -4.21
N THR A 29 -19.04 3.95 -4.97
CA THR A 29 -20.39 3.87 -4.40
C THR A 29 -21.19 2.76 -5.11
N LYS A 30 -22.40 2.48 -4.64
CA LYS A 30 -23.22 1.44 -5.24
C LYS A 30 -23.61 1.82 -6.67
N LYS A 31 -24.02 0.81 -7.45
CA LYS A 31 -24.44 0.98 -8.84
C LYS A 31 -24.93 2.39 -9.18
N ASN A 32 -26.24 2.58 -9.11
CA ASN A 32 -26.81 3.89 -9.38
C ASN A 32 -27.52 4.33 -8.12
N ASP A 33 -26.78 4.32 -7.02
CA ASP A 33 -27.30 4.70 -5.71
C ASP A 33 -27.20 6.20 -5.52
N VAL A 34 -26.11 6.79 -6.01
CA VAL A 34 -25.89 8.22 -5.87
C VAL A 34 -25.94 9.01 -7.18
N ASP A 35 -26.82 10.01 -7.21
CA ASP A 35 -26.98 10.86 -8.39
C ASP A 35 -25.89 11.92 -8.44
N HIS A 36 -25.22 12.11 -7.30
CA HIS A 36 -24.15 13.10 -7.23
C HIS A 36 -23.15 12.70 -6.17
N VAL A 37 -22.18 13.58 -5.94
CA VAL A 37 -21.15 13.34 -4.94
C VAL A 37 -20.08 14.40 -5.14
N GLU A 38 -20.06 15.37 -4.24
CA GLU A 38 -19.10 16.47 -4.30
C GLU A 38 -17.91 16.14 -3.42
N LEU A 39 -16.81 16.83 -3.68
CA LEU A 39 -15.59 16.64 -2.92
C LEU A 39 -15.43 17.83 -1.98
N LEU A 40 -15.51 17.56 -0.68
CA LEU A 40 -15.35 18.61 0.32
C LEU A 40 -13.88 18.64 0.68
N PHE A 41 -13.24 19.80 0.53
CA PHE A 41 -11.82 19.89 0.81
C PHE A 41 -11.34 21.23 1.35
N GLY A 42 -10.08 21.25 1.78
CA GLY A 42 -9.46 22.45 2.31
C GLY A 42 -8.12 22.12 2.96
N ASP A 43 -7.28 23.12 3.16
CA ASP A 43 -5.99 22.91 3.79
C ASP A 43 -6.22 22.60 5.26
N PRO A 44 -5.49 21.63 5.81
CA PRO A 44 -5.65 21.27 7.23
C PRO A 44 -5.23 22.38 8.17
N TYR A 45 -4.81 23.50 7.61
CA TYR A 45 -4.37 24.63 8.43
C TYR A 45 -5.17 25.88 8.10
N GLU A 46 -6.27 25.69 7.38
CA GLU A 46 -7.16 26.80 7.00
C GLU A 46 -8.34 26.85 7.95
N TRP A 47 -8.29 27.82 8.86
CA TRP A 47 -9.32 28.00 9.86
C TRP A 47 -9.83 29.45 9.87
N HIS A 48 -10.92 29.65 10.59
CA HIS A 48 -11.52 30.97 10.73
C HIS A 48 -12.58 30.89 11.80
N ASP A 49 -12.48 31.77 12.80
CA ASP A 49 -13.44 31.78 13.90
C ASP A 49 -13.54 30.40 14.54
N GLY A 50 -12.37 29.78 14.75
CA GLY A 50 -12.33 28.46 15.35
C GLY A 50 -13.12 27.42 14.59
N ALA A 51 -13.14 27.55 13.26
CA ALA A 51 -13.85 26.61 12.41
C ALA A 51 -12.98 26.31 11.21
N TRP A 52 -12.80 25.04 10.88
CA TRP A 52 -11.98 24.65 9.74
C TRP A 52 -12.63 25.06 8.44
N GLN A 53 -11.94 25.92 7.68
CA GLN A 53 -12.47 26.38 6.42
C GLN A 53 -12.30 25.36 5.31
N PHE A 54 -13.26 25.35 4.37
CA PHE A 54 -13.25 24.42 3.25
C PHE A 54 -14.34 24.76 2.24
N GLN A 55 -14.11 24.40 0.97
CA GLN A 55 -15.09 24.63 -0.09
C GLN A 55 -15.37 23.27 -0.70
N THR A 56 -16.32 23.20 -1.62
CA THR A 56 -16.63 21.91 -2.23
C THR A 56 -16.73 21.94 -3.76
N MET A 57 -16.10 20.97 -4.39
CA MET A 57 -16.09 20.84 -5.85
C MET A 57 -16.87 19.60 -6.27
N PRO A 58 -17.45 19.60 -7.48
CA PRO A 58 -18.21 18.46 -7.97
C PRO A 58 -17.32 17.36 -8.55
N MET A 59 -17.70 16.11 -8.32
CA MET A 59 -16.95 14.95 -8.81
C MET A 59 -17.79 14.24 -9.86
N ARG A 60 -17.14 13.84 -10.96
CA ARG A 60 -17.86 13.15 -12.04
C ARG A 60 -17.63 11.66 -12.04
N LYS A 61 -18.65 10.92 -12.48
CA LYS A 61 -18.55 9.47 -12.56
C LYS A 61 -17.62 9.16 -13.74
N THR A 62 -16.73 8.19 -13.58
CA THR A 62 -15.79 7.86 -14.65
C THR A 62 -15.82 6.40 -15.05
N GLY A 63 -16.88 5.70 -14.69
CA GLY A 63 -16.97 4.29 -15.04
C GLY A 63 -17.83 3.57 -14.04
N SER A 64 -17.65 2.26 -13.95
CA SER A 64 -18.41 1.43 -13.02
C SER A 64 -18.41 -0.02 -13.45
N ASP A 65 -17.86 -0.89 -12.61
CA ASP A 65 -17.85 -2.32 -12.94
C ASP A 65 -19.29 -2.80 -12.80
N GLY A 66 -19.47 -4.06 -12.45
CA GLY A 66 -20.82 -4.57 -12.33
C GLY A 66 -21.62 -4.03 -11.17
N LEU A 67 -20.96 -3.73 -10.06
CA LEU A 67 -21.66 -3.24 -8.89
C LEU A 67 -21.38 -1.80 -8.48
N PHE A 68 -20.15 -1.35 -8.64
CA PHE A 68 -19.81 0.00 -8.20
C PHE A 68 -19.84 1.07 -9.26
N ASP A 69 -19.53 2.31 -8.87
CA ASP A 69 -19.56 3.42 -9.81
C ASP A 69 -18.23 4.15 -9.99
N TYR A 70 -17.53 4.44 -8.91
CA TYR A 70 -16.25 5.15 -9.00
C TYR A 70 -16.43 6.56 -9.52
N TRP A 71 -16.11 7.54 -8.68
CA TRP A 71 -16.20 8.95 -9.08
C TRP A 71 -14.76 9.43 -9.03
N LEU A 72 -14.51 10.65 -9.47
CA LEU A 72 -13.15 11.15 -9.46
C LEU A 72 -13.09 12.63 -9.14
N ALA A 73 -12.02 13.03 -8.47
CA ALA A 73 -11.84 14.43 -8.11
C ALA A 73 -10.41 14.87 -8.38
N GLU A 74 -10.28 15.81 -9.30
CA GLU A 74 -8.97 16.34 -9.65
C GLU A 74 -8.83 17.66 -8.90
N VAL A 75 -7.96 17.65 -7.90
CA VAL A 75 -7.76 18.85 -7.09
C VAL A 75 -6.27 19.16 -6.90
N LYS A 76 -5.93 20.44 -7.00
CA LYS A 76 -4.56 20.91 -6.82
C LYS A 76 -4.59 21.68 -5.51
N PRO A 77 -4.25 21.01 -4.40
CA PRO A 77 -4.27 21.71 -3.11
C PRO A 77 -3.19 22.77 -2.99
N PRO A 78 -3.56 23.96 -2.51
CA PRO A 78 -2.57 25.03 -2.35
C PRO A 78 -1.65 24.62 -1.21
N TYR A 79 -0.36 24.96 -1.33
CA TYR A 79 0.61 24.61 -0.28
C TYR A 79 0.86 23.09 -0.22
N ARG A 80 0.21 22.34 -1.12
CA ARG A 80 0.41 20.89 -1.21
C ARG A 80 -0.16 19.98 -0.10
N ARG A 81 -0.92 20.53 0.84
CA ARG A 81 -1.52 19.69 1.88
C ARG A 81 -3.02 19.86 1.83
N LEU A 82 -3.76 18.78 2.09
CA LEU A 82 -5.21 18.85 2.03
C LEU A 82 -5.92 17.77 2.83
N ARG A 83 -7.07 18.15 3.41
CA ARG A 83 -7.93 17.26 4.20
C ARG A 83 -9.25 17.22 3.45
N TYR A 84 -9.84 16.04 3.32
CA TYR A 84 -11.07 15.93 2.54
C TYR A 84 -12.12 14.95 3.01
N GLY A 85 -13.33 15.15 2.48
CA GLY A 85 -14.46 14.29 2.77
C GLY A 85 -15.34 14.33 1.54
N PHE A 86 -16.35 13.48 1.46
CA PHE A 86 -17.23 13.46 0.30
C PHE A 86 -18.69 13.73 0.65
N VAL A 87 -19.38 14.47 -0.21
CA VAL A 87 -20.79 14.81 -0.02
C VAL A 87 -21.66 14.20 -1.11
N LEU A 88 -22.11 12.96 -0.92
CA LEU A 88 -22.92 12.29 -1.92
C LEU A 88 -24.42 12.45 -1.68
N ARG A 89 -25.11 13.02 -2.67
CA ARG A 89 -26.55 13.24 -2.59
C ARG A 89 -27.35 12.42 -3.61
N ALA A 90 -28.27 11.60 -3.12
CA ALA A 90 -29.12 10.77 -3.98
C ALA A 90 -30.57 11.21 -3.81
N GLY A 91 -30.88 12.40 -4.32
CA GLY A 91 -32.23 12.92 -4.21
C GLY A 91 -32.33 13.86 -3.03
N GLY A 92 -33.17 13.50 -2.06
CA GLY A 92 -33.33 14.33 -0.88
C GLY A 92 -32.31 13.94 0.16
N GLU A 93 -31.83 12.71 0.07
CA GLU A 93 -30.84 12.18 1.00
C GLU A 93 -29.50 12.87 0.79
N LYS A 94 -28.87 13.25 1.90
CA LYS A 94 -27.57 13.90 1.85
C LYS A 94 -26.69 13.35 2.95
N LEU A 95 -25.58 12.72 2.55
CA LEU A 95 -24.64 12.15 3.48
C LEU A 95 -23.32 12.91 3.35
N VAL A 96 -22.46 12.78 4.35
CA VAL A 96 -21.15 13.42 4.32
C VAL A 96 -20.14 12.39 4.79
N TYR A 97 -19.78 11.51 3.88
CA TYR A 97 -18.81 10.44 4.13
C TYR A 97 -17.47 11.07 4.54
N THR A 98 -16.88 10.58 5.62
CA THR A 98 -15.59 11.04 6.12
C THR A 98 -14.81 9.86 6.67
N GLU A 99 -13.52 10.06 6.92
CA GLU A 99 -12.70 8.97 7.44
C GLU A 99 -13.24 8.49 8.78
N LYS A 100 -13.90 9.39 9.50
CA LYS A 100 -14.46 9.07 10.80
C LYS A 100 -15.84 8.40 10.67
N GLY A 101 -16.59 8.78 9.65
CA GLY A 101 -17.90 8.19 9.45
C GLY A 101 -18.82 9.07 8.62
N PHE A 102 -20.12 8.84 8.73
CA PHE A 102 -21.09 9.63 7.98
C PHE A 102 -21.71 10.74 8.82
N TYR A 103 -22.15 11.79 8.15
CA TYR A 103 -22.75 12.94 8.83
C TYR A 103 -23.76 13.63 7.91
N HIS A 104 -24.96 13.91 8.43
CA HIS A 104 -25.98 14.58 7.64
C HIS A 104 -25.47 15.95 7.25
N GLU A 105 -24.39 16.37 7.88
CA GLU A 105 -23.79 17.67 7.60
C GLU A 105 -22.28 17.63 7.74
N ALA A 106 -21.60 18.62 7.14
CA ALA A 106 -20.15 18.67 7.19
C ALA A 106 -19.58 19.24 8.49
N PRO A 107 -18.93 18.39 9.30
CA PRO A 107 -18.34 18.86 10.57
C PRO A 107 -17.27 19.91 10.28
N SER A 108 -17.27 20.98 11.07
CA SER A 108 -16.29 22.05 10.87
C SER A 108 -15.43 22.38 12.09
N ASP A 109 -15.80 21.86 13.25
CA ASP A 109 -15.04 22.14 14.45
C ASP A 109 -13.66 21.47 14.47
N ASP A 110 -13.54 20.35 13.77
CA ASP A 110 -12.27 19.62 13.73
C ASP A 110 -11.94 19.10 12.34
N THR A 111 -10.64 18.96 12.05
CA THR A 111 -10.18 18.43 10.77
C THR A 111 -10.07 16.93 10.91
N ALA A 112 -9.76 16.48 12.12
CA ALA A 112 -9.61 15.06 12.41
C ALA A 112 -10.78 14.23 11.88
N TYR A 113 -11.85 14.90 11.52
CA TYR A 113 -13.05 14.22 11.01
C TYR A 113 -12.81 13.56 9.66
N TYR A 114 -12.23 14.33 8.74
CA TYR A 114 -12.01 13.91 7.37
C TYR A 114 -10.73 13.13 7.02
N PHE A 115 -10.73 12.55 5.82
CA PHE A 115 -9.60 11.80 5.29
C PHE A 115 -8.48 12.82 5.11
N CYS A 116 -7.25 12.36 4.92
CA CYS A 116 -6.17 13.32 4.75
C CYS A 116 -4.99 12.93 3.86
N PHE A 117 -4.57 13.88 3.04
CA PHE A 117 -3.42 13.70 2.16
C PHE A 117 -2.41 14.72 2.70
N PRO A 118 -1.56 14.29 3.64
CA PRO A 118 -0.52 15.09 4.28
C PRO A 118 0.22 16.07 3.39
N PHE A 119 1.08 15.55 2.52
CA PHE A 119 1.85 16.43 1.63
C PHE A 119 2.17 15.79 0.29
N LEU A 120 1.91 16.54 -0.77
CA LEU A 120 2.18 16.10 -2.13
C LEU A 120 3.67 16.25 -2.40
N HIS A 121 4.37 15.13 -2.54
CA HIS A 121 5.80 15.15 -2.78
C HIS A 121 6.15 14.55 -4.14
N ARG A 122 6.95 15.27 -4.90
CA ARG A 122 7.36 14.80 -6.22
C ARG A 122 8.04 13.43 -6.09
N VAL A 123 8.93 13.32 -5.11
CA VAL A 123 9.67 12.09 -4.88
C VAL A 123 8.79 10.85 -4.68
N ASP A 124 7.58 11.04 -4.18
CA ASP A 124 6.72 9.89 -3.95
C ASP A 124 5.73 9.71 -5.09
N LEU A 125 5.82 10.63 -6.04
CA LEU A 125 4.97 10.60 -7.22
C LEU A 125 5.32 9.35 -8.04
N PHE A 126 4.32 8.64 -8.54
CA PHE A 126 4.58 7.46 -9.36
C PHE A 126 4.87 7.96 -10.77
N GLN A 127 6.11 7.82 -11.22
CA GLN A 127 6.48 8.30 -12.55
C GLN A 127 7.25 7.28 -13.40
N ALA A 128 6.56 6.69 -14.36
CA ALA A 128 7.18 5.74 -15.26
C ALA A 128 7.73 6.55 -16.43
N PRO A 129 8.72 6.02 -17.16
CA PRO A 129 9.28 6.75 -18.30
C PRO A 129 8.20 7.12 -19.31
N ASP A 130 8.16 8.39 -19.70
CA ASP A 130 7.15 8.87 -20.64
C ASP A 130 7.19 8.25 -22.02
N TRP A 131 8.33 7.68 -22.40
CA TRP A 131 8.46 7.09 -23.72
C TRP A 131 7.71 5.79 -23.91
N VAL A 132 7.65 4.96 -22.88
CA VAL A 132 6.95 3.69 -23.01
C VAL A 132 5.47 3.89 -23.29
N LYS A 133 4.97 5.10 -23.03
CA LYS A 133 3.56 5.39 -23.25
C LYS A 133 3.19 5.52 -24.71
N ASP A 134 4.19 5.72 -25.56
CA ASP A 134 3.94 5.88 -27.00
C ASP A 134 4.38 4.68 -27.85
N THR A 135 5.23 3.82 -27.30
CA THR A 135 5.72 2.68 -28.07
C THR A 135 4.78 1.49 -28.15
N VAL A 136 5.12 0.57 -29.06
CA VAL A 136 4.39 -0.67 -29.29
C VAL A 136 5.44 -1.77 -29.24
N TRP A 137 5.35 -2.61 -28.23
CA TRP A 137 6.33 -3.69 -28.06
C TRP A 137 6.10 -4.91 -28.95
N TYR A 138 7.21 -5.60 -29.22
CA TYR A 138 7.23 -6.80 -30.03
C TYR A 138 8.19 -7.72 -29.30
N GLN A 139 7.68 -8.83 -28.79
CA GLN A 139 8.54 -9.74 -28.02
C GLN A 139 9.01 -10.95 -28.81
N ILE A 140 10.32 -11.03 -29.02
CA ILE A 140 10.88 -12.15 -29.77
C ILE A 140 11.50 -13.19 -28.82
N PHE A 141 11.46 -14.45 -29.24
CA PHE A 141 12.01 -15.57 -28.48
C PHE A 141 13.21 -16.05 -29.31
N PRO A 142 14.35 -15.35 -29.20
CA PRO A 142 15.60 -15.63 -29.91
C PRO A 142 15.74 -17.01 -30.54
N GLU A 143 15.61 -18.05 -29.73
CA GLU A 143 15.76 -19.42 -30.21
C GLU A 143 14.75 -19.84 -31.27
N ARG A 144 13.93 -18.91 -31.77
CA ARG A 144 12.95 -19.26 -32.79
C ARG A 144 12.51 -18.10 -33.66
N PHE A 145 13.37 -17.10 -33.83
CA PHE A 145 13.00 -15.95 -34.65
C PHE A 145 13.66 -15.99 -36.03
N ALA A 146 14.97 -15.75 -36.05
CA ALA A 146 15.73 -15.76 -37.30
C ALA A 146 17.15 -16.23 -37.06
N ASN A 147 17.58 -17.20 -37.86
CA ASN A 147 18.91 -17.78 -37.76
C ASN A 147 19.96 -16.90 -38.44
N GLY A 148 21.02 -16.60 -37.72
CA GLY A 148 22.09 -15.80 -38.27
C GLY A 148 23.35 -16.65 -38.24
N ASN A 149 24.51 -16.05 -38.49
CA ASN A 149 25.78 -16.76 -38.47
C ASN A 149 25.67 -18.07 -37.68
N PRO A 150 25.34 -19.18 -38.37
CA PRO A 150 25.20 -20.51 -37.75
C PRO A 150 26.29 -20.95 -36.79
N ALA A 151 26.22 -20.39 -35.57
CA ALA A 151 27.13 -20.71 -34.48
C ALA A 151 26.15 -21.30 -33.47
N ILE A 152 25.19 -22.04 -34.01
CA ILE A 152 24.12 -22.65 -33.24
C ILE A 152 24.39 -24.06 -32.73
N SER A 153 23.40 -24.62 -32.06
CA SER A 153 23.49 -25.95 -31.49
C SER A 153 23.21 -27.03 -32.51
N PRO A 154 23.93 -28.16 -32.43
CA PRO A 154 23.75 -29.27 -33.36
C PRO A 154 22.42 -30.00 -33.18
N LYS A 155 21.38 -29.54 -33.87
CA LYS A 155 20.06 -30.16 -33.78
C LYS A 155 19.05 -29.55 -34.75
N GLY A 156 17.94 -30.27 -34.93
CA GLY A 156 16.86 -29.85 -35.80
C GLY A 156 17.00 -28.57 -36.64
N ALA A 157 16.93 -28.73 -37.96
CA ALA A 157 17.03 -27.58 -38.86
C ALA A 157 15.78 -26.74 -38.66
N ARG A 158 15.48 -25.85 -39.61
CA ARG A 158 14.30 -25.01 -39.50
C ARG A 158 13.04 -25.89 -39.45
N PRO A 159 11.85 -25.28 -39.30
CA PRO A 159 10.53 -25.90 -39.21
C PRO A 159 10.33 -27.36 -39.63
N TRP A 160 9.22 -27.93 -39.16
CA TRP A 160 8.87 -29.31 -39.44
C TRP A 160 7.50 -29.38 -40.12
N GLY A 161 6.71 -30.39 -39.77
CA GLY A 161 5.37 -30.56 -40.34
C GLY A 161 4.53 -29.32 -40.09
N SER A 162 3.47 -29.15 -40.87
CA SER A 162 2.58 -28.01 -40.70
C SER A 162 2.24 -27.90 -39.22
N GLU A 163 2.27 -29.04 -38.55
CA GLU A 163 1.99 -29.12 -37.12
C GLU A 163 2.85 -30.20 -36.48
N ASP A 164 3.22 -29.96 -35.22
CA ASP A 164 4.05 -30.85 -34.40
C ASP A 164 5.49 -30.38 -34.12
N PRO A 165 5.87 -29.18 -34.60
CA PRO A 165 7.26 -28.79 -34.30
C PRO A 165 7.38 -28.35 -32.84
N THR A 166 8.40 -27.53 -32.55
CA THR A 166 8.62 -27.05 -31.19
C THR A 166 8.60 -28.22 -30.22
N PRO A 167 9.67 -29.04 -30.22
CA PRO A 167 9.81 -30.20 -29.36
C PRO A 167 10.69 -29.93 -28.15
N THR A 168 10.67 -28.70 -27.64
CA THR A 168 11.51 -28.35 -26.50
C THR A 168 12.96 -28.61 -26.92
N SER A 169 13.29 -28.13 -28.12
CA SER A 169 14.63 -28.29 -28.68
C SER A 169 15.02 -27.08 -29.52
N PHE A 170 16.31 -26.82 -29.61
CA PHE A 170 16.82 -25.68 -30.37
C PHE A 170 16.65 -25.83 -31.87
N PHE A 171 16.41 -24.72 -32.55
CA PHE A 171 16.23 -24.71 -34.00
C PHE A 171 17.31 -23.90 -34.69
N GLY A 172 18.15 -23.24 -33.89
CA GLY A 172 19.23 -22.46 -34.48
C GLY A 172 19.16 -20.96 -34.33
N GLY A 173 17.98 -20.42 -34.07
CA GLY A 173 17.83 -18.98 -33.92
C GLY A 173 18.96 -18.33 -33.13
N ASP A 174 19.16 -17.03 -33.33
CA ASP A 174 20.20 -16.31 -32.62
C ASP A 174 20.02 -14.80 -32.74
N LEU A 175 20.90 -14.06 -32.08
CA LEU A 175 20.85 -12.60 -32.08
C LEU A 175 21.09 -12.02 -33.47
N GLN A 176 21.89 -12.69 -34.27
CA GLN A 176 22.18 -12.23 -35.62
C GLN A 176 20.89 -12.15 -36.42
N GLY A 177 19.97 -13.08 -36.12
CA GLY A 177 18.70 -13.10 -36.82
C GLY A 177 17.95 -11.79 -36.69
N ILE A 178 17.75 -11.34 -35.46
CA ILE A 178 17.03 -10.09 -35.21
C ILE A 178 17.69 -8.93 -35.95
N ILE A 179 19.02 -8.84 -35.85
CA ILE A 179 19.75 -7.77 -36.52
C ILE A 179 19.47 -7.75 -38.01
N ASP A 180 19.05 -8.89 -38.56
CA ASP A 180 18.78 -9.00 -40.00
C ASP A 180 17.36 -8.58 -40.38
N HIS A 181 16.36 -9.17 -39.74
CA HIS A 181 14.98 -8.84 -40.04
C HIS A 181 14.51 -7.60 -39.27
N LEU A 182 15.46 -6.76 -38.89
CA LEU A 182 15.13 -5.55 -38.15
C LEU A 182 14.25 -4.61 -38.97
N ASP A 183 14.40 -4.67 -40.28
CA ASP A 183 13.61 -3.83 -41.18
C ASP A 183 12.17 -4.32 -41.32
N TYR A 184 11.95 -5.61 -41.04
CA TYR A 184 10.63 -6.20 -41.11
C TYR A 184 9.79 -5.51 -40.05
N LEU A 185 10.33 -5.47 -38.84
CA LEU A 185 9.67 -4.83 -37.69
C LEU A 185 9.59 -3.33 -37.92
N ALA A 186 10.69 -2.74 -38.38
CA ALA A 186 10.73 -1.30 -38.65
C ALA A 186 9.66 -0.93 -39.66
N ASP A 187 9.21 -1.90 -40.44
CA ASP A 187 8.16 -1.64 -41.41
C ASP A 187 6.83 -1.77 -40.70
N LEU A 188 6.70 -2.88 -39.97
CA LEU A 188 5.49 -3.17 -39.20
C LEU A 188 5.13 -1.94 -38.36
N GLY A 189 6.13 -1.37 -37.70
CA GLY A 189 5.89 -0.20 -36.88
C GLY A 189 6.20 -0.30 -35.40
N ILE A 190 6.77 -1.42 -34.96
CA ILE A 190 7.10 -1.61 -33.55
C ILE A 190 8.24 -0.69 -33.11
N THR A 191 8.09 -0.09 -31.93
CA THR A 191 9.10 0.84 -31.40
C THR A 191 9.89 0.30 -30.22
N GLY A 192 9.99 -1.02 -30.12
CA GLY A 192 10.74 -1.63 -29.04
C GLY A 192 10.57 -3.13 -29.00
N ILE A 193 11.65 -3.84 -28.74
CA ILE A 193 11.60 -5.29 -28.66
C ILE A 193 11.90 -5.79 -27.25
N TYR A 194 11.11 -6.74 -26.78
CA TYR A 194 11.32 -7.35 -25.47
C TYR A 194 11.74 -8.75 -25.83
N LEU A 195 12.98 -9.12 -25.51
CA LEU A 195 13.42 -10.46 -25.83
C LEU A 195 13.81 -11.34 -24.65
N THR A 196 13.23 -12.54 -24.68
CA THR A 196 13.42 -13.60 -23.70
C THR A 196 14.91 -13.72 -23.31
N PRO A 197 15.21 -14.36 -22.16
CA PRO A 197 16.61 -14.50 -21.72
C PRO A 197 17.58 -14.94 -22.81
N ILE A 198 18.74 -14.28 -22.84
CA ILE A 198 19.79 -14.57 -23.82
C ILE A 198 21.14 -14.75 -23.15
N PHE A 199 21.11 -15.03 -21.85
CA PHE A 199 22.34 -15.22 -21.09
C PHE A 199 22.69 -16.70 -21.02
N ARG A 200 23.96 -17.00 -21.20
CA ARG A 200 24.49 -18.36 -21.17
C ARG A 200 23.64 -19.32 -20.34
N ALA A 201 23.07 -20.32 -21.00
CA ALA A 201 22.25 -21.32 -20.33
C ALA A 201 21.95 -22.49 -21.26
N PRO A 202 22.08 -23.72 -20.74
CA PRO A 202 21.82 -24.96 -21.49
C PRO A 202 20.33 -25.23 -21.69
N SER A 203 19.69 -24.45 -22.55
CA SER A 203 18.27 -24.64 -22.80
C SER A 203 17.76 -23.71 -23.88
N ASN A 204 16.68 -24.12 -24.54
CA ASN A 204 16.07 -23.33 -25.61
C ASN A 204 15.46 -22.09 -24.99
N HIS A 205 15.32 -22.10 -23.66
CA HIS A 205 14.80 -20.98 -22.90
C HIS A 205 15.85 -20.73 -21.82
N LYS A 206 16.50 -19.58 -21.88
CA LYS A 206 17.54 -19.26 -20.92
C LYS A 206 17.04 -18.85 -19.54
N TYR A 207 16.16 -19.65 -18.97
CA TYR A 207 15.63 -19.35 -17.64
C TYR A 207 16.44 -20.14 -16.61
N ASP A 208 17.11 -21.18 -17.09
CA ASP A 208 17.96 -22.04 -16.25
C ASP A 208 19.31 -21.31 -16.19
N THR A 209 19.26 -20.00 -16.34
CA THR A 209 20.44 -19.14 -16.34
C THR A 209 21.68 -19.72 -15.64
N ALA A 210 22.81 -19.71 -16.35
CA ALA A 210 24.05 -20.24 -15.82
C ALA A 210 25.12 -19.16 -15.65
N ASP A 211 24.91 -18.01 -16.29
CA ASP A 211 25.87 -16.91 -16.17
C ASP A 211 25.28 -15.57 -16.62
N TYR A 212 24.77 -14.81 -15.66
CA TYR A 212 24.15 -13.52 -15.94
C TYR A 212 25.04 -12.50 -16.63
N PHE A 213 26.34 -12.74 -16.66
CA PHE A 213 27.26 -11.80 -17.29
C PHE A 213 27.74 -12.25 -18.67
N GLU A 214 27.34 -13.42 -19.12
CA GLU A 214 27.78 -13.91 -20.42
C GLU A 214 26.65 -14.39 -21.32
N ILE A 215 26.54 -13.76 -22.50
CA ILE A 215 25.52 -14.10 -23.48
C ILE A 215 25.75 -15.50 -24.03
N ASP A 216 24.72 -16.34 -24.01
CA ASP A 216 24.84 -17.70 -24.51
C ASP A 216 25.55 -17.66 -25.85
N PRO A 217 26.71 -18.33 -25.96
CA PRO A 217 27.46 -18.34 -27.23
C PRO A 217 26.51 -18.46 -28.41
N HIS A 218 25.62 -19.44 -28.34
CA HIS A 218 24.65 -19.70 -29.39
C HIS A 218 23.94 -18.46 -29.93
N PHE A 219 23.66 -17.48 -29.08
CA PHE A 219 23.00 -16.27 -29.54
C PHE A 219 24.00 -15.27 -30.09
N GLY A 220 25.24 -15.36 -29.64
CA GLY A 220 26.25 -14.43 -30.14
C GLY A 220 27.22 -13.93 -29.09
N ASP A 221 27.62 -12.67 -29.21
CA ASP A 221 28.55 -12.06 -28.26
C ASP A 221 28.29 -10.57 -28.08
N LYS A 222 28.95 -9.97 -27.10
CA LYS A 222 28.79 -8.55 -26.80
C LYS A 222 28.74 -7.70 -28.07
N GLU A 223 29.50 -8.11 -29.07
CA GLU A 223 29.54 -7.39 -30.34
C GLU A 223 28.20 -7.50 -31.03
N THR A 224 27.76 -8.73 -31.27
CA THR A 224 26.48 -8.98 -31.90
C THR A 224 25.41 -8.16 -31.19
N LEU A 225 25.42 -8.21 -29.86
CA LEU A 225 24.46 -7.48 -29.05
C LEU A 225 24.64 -5.98 -29.24
N LYS A 226 25.87 -5.51 -29.13
CA LYS A 226 26.16 -4.09 -29.28
C LYS A 226 25.58 -3.56 -30.60
N THR A 227 25.47 -4.44 -31.59
CA THR A 227 24.94 -4.07 -32.91
C THR A 227 23.43 -3.97 -32.88
N LEU A 228 22.80 -5.03 -32.37
CA LEU A 228 21.35 -5.09 -32.25
C LEU A 228 20.84 -3.80 -31.64
N VAL A 229 21.49 -3.36 -30.56
CA VAL A 229 21.08 -2.14 -29.89
C VAL A 229 21.34 -0.95 -30.81
N LYS A 230 22.60 -0.67 -31.11
CA LYS A 230 22.95 0.45 -31.98
C LYS A 230 21.94 0.60 -33.10
N ARG A 231 21.77 -0.49 -33.85
CA ARG A 231 20.84 -0.55 -34.98
C ARG A 231 19.40 -0.18 -34.59
N CYS A 232 18.94 -0.73 -33.48
CA CYS A 232 17.60 -0.48 -32.97
C CYS A 232 17.41 0.99 -32.63
N HIS A 233 18.29 1.53 -31.80
CA HIS A 233 18.20 2.93 -31.41
C HIS A 233 18.19 3.74 -32.70
N GLU A 234 18.88 3.21 -33.71
CA GLU A 234 18.94 3.89 -35.00
C GLU A 234 17.54 3.95 -35.59
N LYS A 235 16.82 2.83 -35.51
CA LYS A 235 15.46 2.71 -36.04
C LYS A 235 14.38 3.28 -35.12
N GLY A 236 14.73 3.53 -33.87
CA GLY A 236 13.76 4.05 -32.92
C GLY A 236 13.16 2.90 -32.11
N ILE A 237 13.94 1.84 -31.95
CA ILE A 237 13.50 0.67 -31.19
C ILE A 237 14.29 0.60 -29.88
N ARG A 238 13.58 0.32 -28.79
CA ARG A 238 14.21 0.19 -27.49
C ARG A 238 14.31 -1.29 -27.18
N VAL A 239 15.47 -1.74 -26.73
CA VAL A 239 15.65 -3.15 -26.42
C VAL A 239 15.43 -3.41 -24.93
N MET A 240 14.57 -4.36 -24.62
CA MET A 240 14.26 -4.73 -23.23
C MET A 240 14.69 -6.17 -23.04
N LEU A 241 15.59 -6.40 -22.08
CA LEU A 241 16.10 -7.73 -21.80
C LEU A 241 15.34 -8.40 -20.66
N ASP A 242 15.54 -9.69 -20.48
CA ASP A 242 14.86 -10.43 -19.43
C ASP A 242 15.77 -10.75 -18.25
N ALA A 243 15.37 -10.30 -17.07
CA ALA A 243 16.12 -10.54 -15.84
C ALA A 243 15.50 -11.70 -15.09
N VAL A 244 16.28 -12.77 -14.92
CA VAL A 244 15.83 -13.95 -14.18
C VAL A 244 16.60 -13.99 -12.86
N PHE A 245 16.13 -13.21 -11.89
CA PHE A 245 16.77 -13.13 -10.58
C PHE A 245 16.12 -13.99 -9.49
N ASN A 246 14.90 -14.44 -9.72
CA ASN A 246 14.21 -15.26 -8.73
C ASN A 246 14.84 -16.63 -8.56
N HIS A 247 15.54 -17.09 -9.58
CA HIS A 247 16.21 -18.38 -9.51
C HIS A 247 17.38 -18.47 -10.49
N CYS A 248 18.00 -19.65 -10.54
CA CYS A 248 19.13 -19.88 -11.43
C CYS A 248 19.02 -21.27 -12.02
N GLY A 249 20.06 -21.70 -12.71
CA GLY A 249 20.04 -23.02 -13.31
C GLY A 249 20.95 -23.98 -12.58
N TYR A 250 20.73 -25.27 -12.78
CA TYR A 250 21.53 -26.31 -12.14
C TYR A 250 23.00 -26.12 -12.52
N GLU A 251 23.27 -25.20 -13.42
CA GLU A 251 24.64 -24.94 -13.87
C GLU A 251 25.28 -23.67 -13.31
N PHE A 252 24.50 -22.85 -12.61
CA PHE A 252 25.02 -21.62 -12.01
C PHE A 252 26.22 -21.94 -11.12
N ALA A 253 27.32 -21.24 -11.33
CA ALA A 253 28.54 -21.46 -10.54
C ALA A 253 28.30 -21.68 -9.04
N PRO A 254 27.76 -20.67 -8.33
CA PRO A 254 27.49 -20.80 -6.89
C PRO A 254 26.78 -22.09 -6.51
N PHE A 255 25.69 -22.40 -7.21
CA PHE A 255 24.94 -23.62 -6.92
C PHE A 255 25.79 -24.83 -7.24
N GLN A 256 26.58 -24.75 -8.31
CA GLN A 256 27.43 -25.85 -8.69
C GLN A 256 28.44 -26.05 -7.57
N ASP A 257 28.77 -24.96 -6.89
CA ASP A 257 29.73 -25.00 -5.80
C ASP A 257 29.12 -25.54 -4.51
N VAL A 258 27.80 -25.64 -4.47
CA VAL A 258 27.14 -26.17 -3.28
C VAL A 258 27.04 -27.69 -3.42
N LEU A 259 27.82 -28.23 -4.34
CA LEU A 259 27.85 -29.68 -4.59
C LEU A 259 29.26 -30.23 -4.34
N LYS A 260 30.26 -29.37 -4.47
CA LYS A 260 31.65 -29.75 -4.24
C LYS A 260 32.13 -29.05 -2.97
N ASN A 261 31.20 -28.79 -2.07
CA ASN A 261 31.50 -28.13 -0.81
C ASN A 261 30.38 -28.39 0.20
N GLY A 262 29.14 -28.24 -0.25
CA GLY A 262 28.01 -28.46 0.63
C GLY A 262 27.90 -27.38 1.69
N ALA A 263 27.95 -27.79 2.96
CA ALA A 263 27.85 -26.84 4.07
C ALA A 263 29.07 -25.92 4.13
N ALA A 264 30.18 -26.40 3.56
CA ALA A 264 31.42 -25.64 3.53
C ALA A 264 31.38 -24.63 2.40
N SER A 265 30.46 -24.83 1.46
CA SER A 265 30.32 -23.93 0.34
C SER A 265 30.05 -22.54 0.88
N ARG A 266 30.86 -21.57 0.45
CA ARG A 266 30.71 -20.19 0.88
C ARG A 266 29.40 -19.64 0.31
N TYR A 267 28.72 -20.48 -0.47
CA TYR A 267 27.46 -20.12 -1.12
C TYR A 267 26.29 -20.94 -0.62
N LYS A 268 26.32 -21.32 0.66
CA LYS A 268 25.25 -22.11 1.25
C LYS A 268 23.97 -21.29 1.40
N ASP A 269 24.13 -20.05 1.86
CA ASP A 269 23.01 -19.15 2.08
C ASP A 269 22.66 -18.32 0.84
N TRP A 270 23.25 -18.68 -0.29
CA TRP A 270 22.97 -17.98 -1.54
C TRP A 270 21.63 -18.52 -2.01
N PHE A 271 21.19 -19.61 -1.40
CA PHE A 271 19.94 -20.27 -1.76
C PHE A 271 19.00 -20.49 -0.55
N HIS A 272 18.00 -21.35 -0.74
CA HIS A 272 17.03 -21.66 0.31
C HIS A 272 17.05 -23.17 0.60
N ILE A 273 18.19 -23.69 1.05
CA ILE A 273 18.33 -25.12 1.34
C ILE A 273 17.84 -25.47 2.75
N ARG A 274 16.59 -25.90 2.86
CA ARG A 274 16.02 -26.25 4.16
C ARG A 274 16.80 -27.38 4.81
N GLU A 275 17.01 -28.46 4.07
CA GLU A 275 17.73 -29.61 4.57
C GLU A 275 18.91 -29.84 3.66
N PHE A 276 20.06 -30.18 4.22
CA PHE A 276 21.23 -30.41 3.39
C PHE A 276 21.25 -31.78 2.74
N PRO A 277 22.42 -32.17 2.24
CA PRO A 277 22.57 -33.44 1.54
C PRO A 277 21.85 -33.24 0.21
N LEU A 278 21.49 -31.99 -0.06
CA LEU A 278 20.78 -31.57 -1.26
C LEU A 278 20.12 -32.72 -2.01
N GLN A 279 18.93 -33.11 -1.55
CA GLN A 279 18.19 -34.21 -2.17
C GLN A 279 16.93 -33.71 -2.88
N THR A 280 16.92 -33.82 -4.20
CA THR A 280 15.77 -33.40 -4.99
C THR A 280 14.98 -34.63 -5.41
N GLU A 281 14.99 -35.64 -4.53
CA GLU A 281 14.30 -36.91 -4.76
C GLU A 281 12.85 -36.73 -5.24
N PRO A 282 11.89 -37.00 -4.36
CA PRO A 282 10.48 -36.86 -4.70
C PRO A 282 10.29 -35.46 -5.30
N ARG A 283 11.10 -34.53 -4.81
CA ARG A 283 11.08 -33.14 -5.26
C ARG A 283 12.20 -32.42 -4.51
N PRO A 284 12.66 -31.28 -5.04
CA PRO A 284 13.73 -30.54 -4.38
C PRO A 284 13.51 -30.38 -2.88
N ASN A 285 14.59 -30.43 -2.11
CA ASN A 285 14.50 -30.27 -0.66
C ASN A 285 14.88 -28.83 -0.32
N TYR A 286 14.88 -27.99 -1.35
CA TYR A 286 15.20 -26.57 -1.23
C TYR A 286 14.17 -25.87 -2.11
N ASP A 287 13.98 -24.57 -1.92
CA ASP A 287 12.99 -23.86 -2.71
C ASP A 287 13.40 -23.73 -4.18
N THR A 288 12.46 -24.00 -5.08
CA THR A 288 12.69 -23.94 -6.53
C THR A 288 11.56 -23.17 -7.20
N PHE A 289 11.76 -22.83 -8.47
CA PHE A 289 10.76 -22.07 -9.22
C PHE A 289 9.34 -22.57 -8.99
N ALA A 290 9.10 -23.80 -9.38
CA ALA A 290 7.80 -24.43 -9.21
C ALA A 290 8.06 -25.61 -8.30
N PHE A 291 8.85 -26.52 -8.81
CA PHE A 291 9.26 -27.73 -8.12
C PHE A 291 10.43 -28.23 -8.95
N VAL A 292 10.96 -27.30 -9.76
CA VAL A 292 12.07 -27.54 -10.66
C VAL A 292 13.43 -27.61 -9.96
N PRO A 293 13.96 -28.82 -9.76
CA PRO A 293 15.25 -28.95 -9.09
C PRO A 293 16.29 -28.11 -9.83
N HIS A 294 16.27 -28.23 -11.16
CA HIS A 294 17.19 -27.47 -12.00
C HIS A 294 16.68 -26.03 -12.08
N MET A 295 16.43 -25.45 -10.92
CA MET A 295 15.94 -24.09 -10.83
C MET A 295 15.85 -23.71 -9.35
N PRO A 296 17.01 -23.61 -8.69
CA PRO A 296 17.02 -23.25 -7.26
C PRO A 296 16.67 -21.79 -7.02
N LYS A 297 15.88 -21.54 -5.99
CA LYS A 297 15.47 -20.19 -5.64
C LYS A 297 16.65 -19.47 -5.01
N LEU A 298 16.93 -18.26 -5.47
CA LEU A 298 18.03 -17.47 -4.94
C LEU A 298 17.58 -16.78 -3.66
N ASN A 299 18.55 -16.33 -2.85
CA ASN A 299 18.25 -15.64 -1.59
C ASN A 299 18.58 -14.17 -1.76
N THR A 300 17.61 -13.40 -2.24
CA THR A 300 17.79 -11.97 -2.46
C THR A 300 17.99 -11.17 -1.18
N ALA A 301 17.69 -11.78 -0.04
CA ALA A 301 17.84 -11.10 1.24
C ALA A 301 19.30 -11.13 1.69
N HIS A 302 20.10 -11.89 0.95
CA HIS A 302 21.52 -12.03 1.25
C HIS A 302 22.32 -10.90 0.62
N PRO A 303 23.12 -10.19 1.43
CA PRO A 303 23.95 -9.07 0.95
C PRO A 303 24.74 -9.36 -0.32
N GLU A 304 25.39 -10.51 -0.39
CA GLU A 304 26.18 -10.89 -1.56
C GLU A 304 25.27 -11.05 -2.77
N VAL A 305 24.34 -12.00 -2.68
CA VAL A 305 23.40 -12.24 -3.76
C VAL A 305 22.85 -10.90 -4.23
N LYS A 306 22.23 -10.18 -3.30
CA LYS A 306 21.65 -8.87 -3.60
C LYS A 306 22.63 -7.98 -4.34
N ARG A 307 23.90 -8.06 -3.98
CA ARG A 307 24.93 -7.25 -4.61
C ARG A 307 25.30 -7.77 -5.99
N TYR A 308 25.10 -9.07 -6.20
CA TYR A 308 25.40 -9.74 -7.46
C TYR A 308 24.41 -9.33 -8.54
N LEU A 309 23.16 -9.74 -8.36
CA LEU A 309 22.09 -9.42 -9.32
C LEU A 309 22.04 -7.92 -9.59
N LEU A 310 22.26 -7.11 -8.55
CA LEU A 310 22.22 -5.66 -8.70
C LEU A 310 23.38 -5.13 -9.54
N ASP A 311 24.45 -5.91 -9.64
CA ASP A 311 25.60 -5.52 -10.45
C ASP A 311 25.31 -5.99 -11.88
N VAL A 312 24.42 -6.98 -11.97
CA VAL A 312 24.00 -7.55 -13.24
C VAL A 312 23.00 -6.60 -13.90
N ALA A 313 22.06 -6.11 -13.11
CA ALA A 313 21.04 -5.21 -13.61
C ALA A 313 21.65 -3.94 -14.19
N THR A 314 22.80 -3.54 -13.68
CA THR A 314 23.47 -2.32 -14.14
C THR A 314 24.52 -2.56 -15.22
N TYR A 315 25.03 -3.78 -15.28
CA TYR A 315 26.04 -4.14 -16.26
C TYR A 315 25.52 -3.93 -17.69
N TRP A 316 24.50 -4.70 -18.04
CA TRP A 316 23.90 -4.62 -19.37
C TRP A 316 23.27 -3.27 -19.69
N ILE A 317 23.18 -2.38 -18.70
CA ILE A 317 22.58 -1.05 -18.91
C ILE A 317 23.73 -0.08 -19.16
N ARG A 318 24.91 -0.47 -18.72
CA ARG A 318 26.10 0.35 -18.89
C ARG A 318 26.79 -0.07 -20.18
N GLU A 319 27.10 -1.36 -20.28
CA GLU A 319 27.78 -1.91 -21.43
C GLU A 319 26.96 -2.07 -22.71
N PHE A 320 25.65 -1.87 -22.64
CA PHE A 320 24.85 -2.06 -23.85
C PHE A 320 23.72 -1.05 -24.05
N ASP A 321 23.59 -0.11 -23.13
CA ASP A 321 22.57 0.93 -23.22
C ASP A 321 21.16 0.41 -23.44
N ILE A 322 20.87 -0.80 -22.97
CA ILE A 322 19.52 -1.36 -23.11
C ILE A 322 18.54 -0.40 -22.44
N ASP A 323 17.29 -0.36 -22.89
CA ASP A 323 16.31 0.55 -22.32
C ASP A 323 15.27 -0.06 -21.38
N GLY A 324 15.48 -1.29 -20.95
CA GLY A 324 14.50 -1.88 -20.06
C GLY A 324 14.95 -3.15 -19.36
N TRP A 325 14.07 -3.70 -18.54
CA TRP A 325 14.35 -4.92 -17.79
C TRP A 325 13.03 -5.62 -17.50
N ARG A 326 12.89 -6.86 -17.96
CA ARG A 326 11.69 -7.66 -17.71
C ARG A 326 12.07 -8.51 -16.51
N LEU A 327 11.18 -8.62 -15.55
CA LEU A 327 11.50 -9.39 -14.35
C LEU A 327 10.69 -10.68 -14.27
N ASP A 328 11.37 -11.78 -14.55
CA ASP A 328 10.73 -13.08 -14.53
C ASP A 328 10.38 -13.47 -13.10
N VAL A 329 9.13 -13.85 -12.89
CA VAL A 329 8.66 -14.23 -11.57
C VAL A 329 9.08 -13.13 -10.59
N ALA A 330 8.79 -11.89 -10.96
CA ALA A 330 9.14 -10.73 -10.15
C ALA A 330 8.35 -10.67 -8.84
N ASN A 331 7.13 -11.19 -8.87
CA ASN A 331 6.29 -11.15 -7.69
C ASN A 331 6.75 -12.09 -6.59
N GLU A 332 7.67 -13.01 -6.91
CA GLU A 332 8.16 -13.95 -5.91
C GLU A 332 9.46 -13.49 -5.25
N ILE A 333 9.79 -12.20 -5.42
CA ILE A 333 11.00 -11.64 -4.84
C ILE A 333 10.64 -10.57 -3.78
N ASP A 334 11.32 -10.63 -2.64
CA ASP A 334 11.07 -9.70 -1.54
C ASP A 334 11.12 -8.22 -1.90
N HIS A 335 10.00 -7.54 -1.69
CA HIS A 335 9.87 -6.11 -1.98
C HIS A 335 11.13 -5.31 -1.69
N GLN A 336 11.87 -5.70 -0.65
CA GLN A 336 13.07 -4.98 -0.29
C GLN A 336 14.00 -4.85 -1.48
N PHE A 337 14.35 -5.99 -2.06
CA PHE A 337 15.24 -6.03 -3.20
C PHE A 337 14.83 -5.09 -4.34
N TRP A 338 13.57 -5.12 -4.72
CA TRP A 338 13.09 -4.30 -5.83
C TRP A 338 13.31 -2.80 -5.66
N ARG A 339 13.19 -2.28 -4.44
CA ARG A 339 13.39 -0.84 -4.25
C ARG A 339 14.88 -0.54 -4.43
N GLU A 340 15.72 -1.53 -4.14
CA GLU A 340 17.17 -1.38 -4.28
C GLU A 340 17.49 -1.47 -5.76
N PHE A 341 16.75 -2.34 -6.43
CA PHE A 341 16.89 -2.56 -7.87
C PHE A 341 16.55 -1.27 -8.59
N ARG A 342 15.38 -0.73 -8.29
CA ARG A 342 14.92 0.50 -8.91
C ARG A 342 15.87 1.66 -8.66
N GLN A 343 16.45 1.69 -7.46
CA GLN A 343 17.38 2.76 -7.11
C GLN A 343 18.65 2.70 -7.94
N ALA A 344 19.16 1.50 -8.16
CA ALA A 344 20.38 1.32 -8.95
C ALA A 344 20.17 1.71 -10.40
N VAL A 345 19.27 0.99 -11.06
CA VAL A 345 18.95 1.21 -12.46
C VAL A 345 18.42 2.60 -12.81
N LYS A 346 17.57 3.18 -11.96
CA LYS A 346 17.02 4.50 -12.24
C LYS A 346 18.07 5.57 -11.93
N ALA A 347 19.13 5.15 -11.25
CA ALA A 347 20.22 6.06 -10.91
C ALA A 347 21.20 6.10 -12.08
N LEU A 348 21.35 4.94 -12.73
CA LEU A 348 22.25 4.78 -13.87
C LEU A 348 21.65 5.42 -15.11
N LYS A 349 20.53 4.84 -15.57
CA LYS A 349 19.81 5.31 -16.75
C LYS A 349 18.32 5.41 -16.39
N PRO A 350 17.91 6.54 -15.81
CA PRO A 350 16.52 6.80 -15.41
C PRO A 350 15.44 6.37 -16.39
N ASP A 351 15.77 6.32 -17.67
CA ASP A 351 14.78 5.94 -18.67
C ASP A 351 14.56 4.45 -18.84
N VAL A 352 15.34 3.64 -18.13
CA VAL A 352 15.17 2.19 -18.24
C VAL A 352 13.76 1.84 -17.78
N TYR A 353 13.13 0.90 -18.47
CA TYR A 353 11.78 0.46 -18.15
C TYR A 353 11.83 -0.78 -17.29
N ILE A 354 11.28 -0.70 -16.07
CA ILE A 354 11.26 -1.86 -15.18
C ILE A 354 9.89 -2.53 -15.25
N LEU A 355 9.83 -3.67 -15.92
CA LEU A 355 8.60 -4.40 -16.09
C LEU A 355 8.64 -5.68 -15.27
N GLY A 356 7.57 -5.97 -14.55
CA GLY A 356 7.55 -7.18 -13.74
C GLY A 356 6.47 -8.15 -14.17
N GLU A 357 6.80 -9.43 -14.18
CA GLU A 357 5.83 -10.44 -14.57
C GLU A 357 4.93 -10.77 -13.38
N ILE A 358 3.69 -10.30 -13.45
CA ILE A 358 2.69 -10.55 -12.41
C ILE A 358 1.32 -10.73 -13.07
N TRP A 359 0.86 -11.98 -13.12
CA TRP A 359 -0.43 -12.31 -13.73
C TRP A 359 -1.63 -11.98 -12.86
N HIS A 360 -1.40 -11.22 -11.80
CA HIS A 360 -2.49 -10.86 -10.89
C HIS A 360 -2.33 -9.42 -10.42
N ASP A 361 -3.17 -9.01 -9.48
CA ASP A 361 -3.12 -7.66 -8.95
C ASP A 361 -1.73 -7.33 -8.41
N ALA A 362 -1.12 -6.29 -8.97
CA ALA A 362 0.22 -5.91 -8.56
C ALA A 362 0.30 -4.52 -7.90
N MET A 363 -0.77 -4.14 -7.21
CA MET A 363 -0.78 -2.84 -6.54
C MET A 363 0.44 -2.74 -5.62
N PRO A 364 0.72 -3.78 -4.82
CA PRO A 364 1.87 -3.74 -3.91
C PRO A 364 3.19 -3.39 -4.60
N TRP A 365 3.25 -3.60 -5.91
CA TRP A 365 4.48 -3.32 -6.67
C TRP A 365 4.44 -2.06 -7.52
N LEU A 366 3.24 -1.51 -7.69
CA LEU A 366 3.07 -0.30 -8.50
C LEU A 366 2.78 0.93 -7.64
N ARG A 367 3.59 1.15 -6.60
CA ARG A 367 3.39 2.31 -5.73
C ARG A 367 4.39 3.41 -6.07
N GLY A 368 5.27 3.13 -7.03
CA GLY A 368 6.24 4.13 -7.44
C GLY A 368 7.62 3.90 -6.86
N ASP A 369 7.75 2.86 -6.03
CA ASP A 369 9.04 2.57 -5.40
C ASP A 369 9.71 1.33 -5.98
N GLN A 370 8.97 0.57 -6.79
CA GLN A 370 9.53 -0.65 -7.38
C GLN A 370 9.45 -0.71 -8.90
N PHE A 371 8.37 -1.26 -9.42
CA PHE A 371 8.18 -1.40 -10.87
C PHE A 371 7.55 -0.20 -11.54
N ASP A 372 7.66 -0.18 -12.87
CA ASP A 372 7.07 0.88 -13.67
C ASP A 372 5.75 0.35 -14.21
N ALA A 373 5.62 -0.97 -14.22
CA ALA A 373 4.43 -1.64 -14.68
C ALA A 373 4.67 -3.15 -14.65
N VAL A 374 3.65 -3.92 -15.04
CA VAL A 374 3.76 -5.39 -15.06
C VAL A 374 3.18 -5.93 -16.37
N MET A 375 3.38 -7.21 -16.62
CA MET A 375 2.85 -7.84 -17.82
C MET A 375 1.35 -8.01 -17.63
N ASN A 376 0.61 -6.94 -17.88
CA ASN A 376 -0.83 -6.93 -17.73
C ASN A 376 -1.56 -8.14 -18.28
N TYR A 377 -1.61 -9.20 -17.50
CA TYR A 377 -2.30 -10.43 -17.90
C TYR A 377 -3.81 -10.39 -17.62
N PRO A 378 -4.25 -9.64 -16.60
CA PRO A 378 -5.68 -9.59 -16.30
C PRO A 378 -6.51 -9.01 -17.45
N LEU A 379 -5.96 -8.01 -18.11
CA LEU A 379 -6.66 -7.38 -19.23
C LEU A 379 -6.76 -8.42 -20.34
N ALA A 380 -5.63 -9.01 -20.71
CA ALA A 380 -5.61 -10.02 -21.75
C ALA A 380 -6.69 -11.05 -21.45
N ASP A 381 -6.77 -11.45 -20.19
CA ASP A 381 -7.76 -12.44 -19.76
C ASP A 381 -9.14 -12.00 -20.22
N ALA A 382 -9.48 -10.75 -19.94
CA ALA A 382 -10.78 -10.21 -20.31
C ALA A 382 -10.98 -10.11 -21.82
N ALA A 383 -9.92 -9.74 -22.53
CA ALA A 383 -9.96 -9.62 -23.99
C ALA A 383 -10.22 -10.99 -24.63
N LEU A 384 -9.42 -11.97 -24.25
CA LEU A 384 -9.58 -13.31 -24.78
C LEU A 384 -10.94 -13.88 -24.37
N ARG A 385 -11.40 -13.52 -23.19
CA ARG A 385 -12.67 -14.00 -22.69
C ARG A 385 -13.83 -13.44 -23.52
N PHE A 386 -13.61 -12.28 -24.13
CA PHE A 386 -14.67 -11.67 -24.93
C PHE A 386 -14.62 -12.02 -26.42
N PHE A 387 -13.49 -11.72 -27.05
CA PHE A 387 -13.32 -11.97 -28.48
C PHE A 387 -13.02 -13.42 -28.86
N ALA A 388 -12.23 -14.11 -28.05
CA ALA A 388 -11.86 -15.49 -28.35
C ALA A 388 -12.90 -16.49 -27.86
N LYS A 389 -12.88 -16.77 -26.56
CA LYS A 389 -13.84 -17.71 -25.99
C LYS A 389 -15.26 -17.18 -26.15
N GLU A 390 -15.38 -15.86 -26.24
CA GLU A 390 -16.70 -15.26 -26.36
C GLU A 390 -17.54 -15.71 -25.17
N ASP A 391 -16.86 -15.87 -24.04
CA ASP A 391 -17.45 -16.30 -22.78
C ASP A 391 -18.44 -15.25 -22.30
N MET A 392 -17.90 -14.13 -21.83
CA MET A 392 -18.72 -13.04 -21.33
C MET A 392 -19.41 -12.22 -22.41
N SER A 393 -20.00 -11.11 -22.01
CA SER A 393 -20.72 -10.25 -22.94
C SER A 393 -20.00 -8.93 -23.18
N ALA A 394 -20.68 -8.03 -23.88
CA ALA A 394 -20.13 -6.72 -24.20
C ALA A 394 -20.20 -5.84 -22.96
N SER A 395 -21.25 -6.02 -22.17
CA SER A 395 -21.41 -5.23 -20.95
C SER A 395 -20.53 -5.77 -19.83
N GLU A 396 -20.42 -7.09 -19.75
CA GLU A 396 -19.59 -7.72 -18.73
C GLU A 396 -18.13 -7.43 -19.01
N PHE A 397 -17.77 -7.48 -20.29
CA PHE A 397 -16.41 -7.21 -20.71
C PHE A 397 -16.09 -5.77 -20.36
N ALA A 398 -17.02 -4.87 -20.67
CA ALA A 398 -16.84 -3.44 -20.39
C ALA A 398 -16.69 -3.22 -18.90
N ASP A 399 -17.40 -4.01 -18.12
CA ASP A 399 -17.36 -3.89 -16.66
C ASP A 399 -16.00 -4.38 -16.14
N ARG A 400 -15.69 -5.65 -16.40
CA ARG A 400 -14.43 -6.23 -15.96
C ARG A 400 -13.27 -5.35 -16.41
N LEU A 401 -13.49 -4.62 -17.49
CA LEU A 401 -12.47 -3.72 -18.04
C LEU A 401 -12.40 -2.45 -17.23
N MET A 402 -13.56 -1.87 -16.94
CA MET A 402 -13.64 -0.65 -16.16
C MET A 402 -13.18 -0.98 -14.73
N HIS A 403 -13.22 -2.27 -14.41
CA HIS A 403 -12.82 -2.74 -13.09
C HIS A 403 -11.30 -2.67 -12.92
N VAL A 404 -10.60 -3.68 -13.43
CA VAL A 404 -9.13 -3.72 -13.33
C VAL A 404 -8.53 -2.36 -13.62
N LEU A 405 -9.18 -1.61 -14.50
CA LEU A 405 -8.72 -0.27 -14.88
C LEU A 405 -8.70 0.69 -13.70
N HIS A 406 -9.76 0.66 -12.90
CA HIS A 406 -9.88 1.56 -11.75
C HIS A 406 -9.09 1.14 -10.53
N SER A 407 -8.72 -0.13 -10.46
CA SER A 407 -7.97 -0.65 -9.33
C SER A 407 -6.52 -0.16 -9.28
N TYR A 408 -6.20 0.85 -10.10
CA TYR A 408 -4.84 1.41 -10.16
C TYR A 408 -4.92 2.91 -10.41
N PRO A 409 -3.89 3.66 -10.02
CA PRO A 409 -3.94 5.10 -10.28
C PRO A 409 -3.61 5.29 -11.75
N LYS A 410 -4.29 6.23 -12.41
CA LYS A 410 -4.08 6.51 -13.84
C LYS A 410 -2.67 6.25 -14.38
N GLN A 411 -1.70 7.07 -13.95
CA GLN A 411 -0.32 6.94 -14.42
C GLN A 411 0.16 5.49 -14.49
N VAL A 412 -0.33 4.66 -13.58
CA VAL A 412 0.05 3.26 -13.58
C VAL A 412 -0.48 2.62 -14.86
N ASN A 413 -1.76 2.86 -15.14
CA ASN A 413 -2.42 2.34 -16.32
C ASN A 413 -1.79 2.88 -17.60
N GLU A 414 -1.49 4.17 -17.60
CA GLU A 414 -0.90 4.82 -18.75
C GLU A 414 0.43 4.20 -19.16
N ALA A 415 0.95 3.26 -18.37
CA ALA A 415 2.23 2.62 -18.70
C ALA A 415 2.15 1.09 -18.63
N ALA A 416 0.92 0.59 -18.62
CA ALA A 416 0.69 -0.86 -18.55
C ALA A 416 1.24 -1.60 -19.76
N PHE A 417 1.89 -2.73 -19.51
CA PHE A 417 2.43 -3.55 -20.59
C PHE A 417 1.28 -4.44 -21.05
N ASN A 418 0.38 -3.87 -21.87
CA ASN A 418 -0.79 -4.59 -22.36
C ASN A 418 -0.54 -5.61 -23.47
N LEU A 419 -0.25 -6.85 -23.07
CA LEU A 419 0.01 -7.91 -24.03
C LEU A 419 -1.23 -8.77 -24.10
N LEU A 420 -1.27 -9.71 -25.02
CA LEU A 420 -2.43 -10.60 -25.17
C LEU A 420 -1.96 -12.04 -25.09
N GLY A 421 -0.66 -12.22 -25.21
CA GLY A 421 -0.09 -13.54 -25.14
C GLY A 421 1.42 -13.45 -25.13
N SER A 422 2.08 -14.58 -24.93
CA SER A 422 3.53 -14.62 -24.91
C SER A 422 3.99 -16.06 -24.92
N HIS A 423 5.31 -16.25 -24.85
CA HIS A 423 5.91 -17.57 -24.85
C HIS A 423 5.31 -18.50 -23.81
N ASP A 424 4.45 -17.97 -22.94
CA ASP A 424 3.84 -18.77 -21.89
C ASP A 424 2.34 -19.04 -22.00
N THR A 425 1.75 -18.75 -23.17
CA THR A 425 0.32 -18.98 -23.38
C THR A 425 0.01 -19.43 -24.80
N PRO A 426 -1.14 -20.08 -24.99
CA PRO A 426 -1.54 -20.57 -26.32
C PRO A 426 -1.53 -19.41 -27.32
N ARG A 427 -1.24 -19.73 -28.58
CA ARG A 427 -1.18 -18.70 -29.60
C ARG A 427 -2.53 -18.02 -29.81
N LEU A 428 -2.47 -16.71 -30.03
CA LEU A 428 -3.67 -15.89 -30.24
C LEU A 428 -4.63 -16.48 -31.26
N LEU A 429 -4.08 -16.95 -32.37
CA LEU A 429 -4.89 -17.52 -33.44
C LEU A 429 -5.55 -18.85 -33.08
N THR A 430 -4.78 -19.79 -32.52
CA THR A 430 -5.35 -21.07 -32.17
C THR A 430 -6.45 -20.83 -31.14
N VAL A 431 -6.26 -19.80 -30.33
CA VAL A 431 -7.22 -19.43 -29.29
C VAL A 431 -8.49 -18.85 -29.88
N CYS A 432 -8.40 -18.39 -31.12
CA CYS A 432 -9.55 -17.80 -31.80
C CYS A 432 -10.30 -18.82 -32.66
N GLY A 433 -9.87 -20.07 -32.59
CA GLY A 433 -10.50 -21.11 -33.38
C GLY A 433 -10.11 -21.03 -34.84
N GLY A 434 -8.94 -20.44 -35.09
CA GLY A 434 -8.45 -20.29 -36.45
C GLY A 434 -9.18 -19.21 -37.20
N ASP A 435 -10.13 -18.57 -36.52
CA ASP A 435 -10.91 -17.51 -37.15
C ASP A 435 -10.18 -16.17 -37.13
N VAL A 436 -9.31 -15.95 -38.10
CA VAL A 436 -8.55 -14.71 -38.17
C VAL A 436 -9.47 -13.48 -38.13
N ARG A 437 -10.78 -13.72 -38.19
CA ARG A 437 -11.71 -12.60 -38.12
C ARG A 437 -11.67 -12.02 -36.72
N LYS A 438 -11.57 -12.90 -35.73
CA LYS A 438 -11.52 -12.50 -34.31
C LYS A 438 -10.16 -11.91 -33.96
N VAL A 439 -9.09 -12.58 -34.40
CA VAL A 439 -7.74 -12.10 -34.15
C VAL A 439 -7.61 -10.64 -34.57
N LYS A 440 -8.25 -10.31 -35.69
CA LYS A 440 -8.21 -8.95 -36.20
C LYS A 440 -8.92 -8.01 -35.24
N LEU A 441 -9.94 -8.50 -34.56
CA LEU A 441 -10.69 -7.68 -33.60
C LEU A 441 -9.83 -7.46 -32.35
N LEU A 442 -9.13 -8.51 -31.92
CA LEU A 442 -8.28 -8.44 -30.73
C LEU A 442 -7.18 -7.43 -30.91
N PHE A 443 -6.54 -7.45 -32.08
CA PHE A 443 -5.46 -6.50 -32.36
C PHE A 443 -6.07 -5.10 -32.39
N LEU A 444 -7.33 -5.02 -32.78
CA LEU A 444 -8.02 -3.73 -32.86
C LEU A 444 -8.26 -3.19 -31.45
N PHE A 445 -8.60 -4.09 -30.53
CA PHE A 445 -8.83 -3.70 -29.14
C PHE A 445 -7.52 -3.23 -28.54
N GLN A 446 -6.56 -4.14 -28.43
CA GLN A 446 -5.24 -3.84 -27.87
C GLN A 446 -4.62 -2.54 -28.40
N LEU A 447 -4.38 -2.48 -29.71
CA LEU A 447 -3.76 -1.30 -30.32
C LEU A 447 -4.63 -0.08 -30.21
N THR A 448 -5.82 -0.25 -29.65
CA THR A 448 -6.75 0.87 -29.48
C THR A 448 -6.85 1.25 -28.00
N PHE A 449 -6.34 0.37 -27.14
CA PHE A 449 -6.34 0.56 -25.69
C PHE A 449 -5.08 1.25 -25.18
N THR A 450 -5.27 2.25 -24.33
CA THR A 450 -4.16 3.01 -23.74
C THR A 450 -3.17 2.12 -22.97
N GLY A 451 -1.91 2.52 -22.98
CA GLY A 451 -0.87 1.77 -22.31
C GLY A 451 0.29 1.53 -23.26
N SER A 452 1.11 0.53 -22.96
CA SER A 452 2.26 0.19 -23.80
C SER A 452 2.13 -1.27 -24.18
N PRO A 453 1.37 -1.54 -25.26
CA PRO A 453 1.12 -2.89 -25.78
C PRO A 453 2.36 -3.63 -26.26
N CYS A 454 2.18 -4.92 -26.53
CA CYS A 454 3.26 -5.76 -27.01
C CYS A 454 2.71 -6.92 -27.83
N ILE A 455 3.32 -7.18 -28.99
CA ILE A 455 2.88 -8.24 -29.87
C ILE A 455 3.85 -9.43 -29.81
N TYR A 456 3.29 -10.64 -29.71
CA TYR A 456 4.11 -11.85 -29.65
C TYR A 456 4.50 -12.21 -31.08
N TYR A 457 5.75 -11.91 -31.42
CA TYR A 457 6.28 -12.14 -32.75
C TYR A 457 5.42 -12.90 -33.77
N GLY A 458 5.18 -14.19 -33.54
CA GLY A 458 4.42 -14.94 -34.52
C GLY A 458 3.00 -14.48 -34.81
N ASP A 459 2.30 -14.09 -33.75
CA ASP A 459 0.90 -13.66 -33.86
C ASP A 459 0.50 -12.62 -34.90
N GLU A 460 1.44 -11.82 -35.38
CA GLU A 460 1.08 -10.79 -36.38
C GLU A 460 0.86 -11.32 -37.80
N ILE A 461 1.46 -12.46 -38.12
CA ILE A 461 1.34 -13.06 -39.45
C ILE A 461 0.55 -14.37 -39.42
N GLY A 462 -0.63 -14.33 -38.80
CA GLY A 462 -1.46 -15.51 -38.73
C GLY A 462 -0.76 -16.81 -38.35
N MET A 463 0.13 -16.75 -37.37
CA MET A 463 0.83 -17.95 -36.93
C MET A 463 -0.10 -18.74 -36.03
N THR A 464 0.19 -20.02 -35.82
CA THR A 464 -0.66 -20.86 -34.96
C THR A 464 0.13 -21.91 -34.20
N GLY A 465 -0.02 -21.92 -32.88
CA GLY A 465 0.71 -22.89 -32.07
C GLY A 465 -0.07 -23.49 -30.92
N GLY A 466 -0.64 -22.64 -30.08
CA GLY A 466 -1.40 -23.14 -28.94
C GLY A 466 -0.58 -23.20 -27.67
N ASN A 467 -1.07 -23.90 -26.66
CA ASN A 467 -0.40 -24.04 -25.37
C ASN A 467 1.07 -24.45 -25.46
N ASP A 468 1.89 -23.88 -24.58
CA ASP A 468 3.33 -24.15 -24.53
C ASP A 468 3.68 -25.64 -24.61
N PRO A 469 4.77 -26.00 -25.31
CA PRO A 469 5.72 -25.12 -26.02
C PRO A 469 5.30 -24.83 -27.47
N GLU A 470 4.13 -25.31 -27.85
CA GLU A 470 3.63 -25.09 -29.21
C GLU A 470 3.57 -23.63 -29.59
N CYS A 471 3.56 -22.75 -28.60
CA CYS A 471 3.49 -21.32 -28.86
C CYS A 471 4.82 -20.70 -29.25
N ARG A 472 5.87 -21.51 -29.32
CA ARG A 472 7.19 -21.00 -29.69
C ARG A 472 7.71 -21.57 -31.01
N LYS A 473 6.79 -21.85 -31.94
CA LYS A 473 7.16 -22.39 -33.24
C LYS A 473 8.13 -21.42 -33.89
N CYS A 474 8.95 -21.92 -34.82
CA CYS A 474 9.90 -21.05 -35.50
C CYS A 474 9.09 -20.02 -36.28
N MET A 475 9.60 -18.79 -36.33
CA MET A 475 8.91 -17.72 -37.05
C MET A 475 8.64 -18.13 -38.51
N VAL A 476 7.50 -17.72 -39.05
CA VAL A 476 7.14 -18.04 -40.43
C VAL A 476 7.57 -16.90 -41.35
N TRP A 477 8.76 -17.02 -41.93
CA TRP A 477 9.29 -15.98 -42.81
C TRP A 477 8.87 -16.18 -44.28
N ASP A 478 8.00 -17.15 -44.52
CA ASP A 478 7.53 -17.43 -45.88
C ASP A 478 6.38 -16.52 -46.28
N PRO A 479 6.64 -15.59 -47.21
CA PRO A 479 5.63 -14.64 -47.69
C PRO A 479 4.32 -15.30 -48.10
N GLU A 480 4.40 -16.61 -48.37
CA GLU A 480 3.24 -17.37 -48.80
C GLU A 480 2.56 -18.05 -47.62
N LYS A 481 3.36 -18.42 -46.62
CA LYS A 481 2.84 -19.09 -45.43
C LYS A 481 2.35 -18.10 -44.36
N GLN A 482 2.67 -16.82 -44.52
CA GLN A 482 2.27 -15.81 -43.54
C GLN A 482 1.15 -14.90 -44.01
N ASN A 483 0.06 -14.86 -43.24
CA ASN A 483 -1.11 -14.04 -43.58
C ASN A 483 -0.79 -12.55 -43.70
N LYS A 484 -0.63 -12.08 -44.93
CA LYS A 484 -0.32 -10.68 -45.18
C LYS A 484 -1.56 -9.82 -44.95
N GLU A 485 -2.73 -10.44 -45.02
CA GLU A 485 -3.96 -9.70 -44.82
C GLU A 485 -4.00 -9.23 -43.39
N LEU A 486 -3.61 -10.12 -42.48
CA LEU A 486 -3.59 -9.84 -41.06
C LEU A 486 -2.41 -8.92 -40.74
N TYR A 487 -1.25 -9.22 -41.33
CA TYR A 487 -0.07 -8.40 -41.11
C TYR A 487 -0.39 -6.97 -41.51
N GLU A 488 -0.99 -6.80 -42.67
CA GLU A 488 -1.34 -5.47 -43.16
C GLU A 488 -2.26 -4.79 -42.15
N HIS A 489 -3.21 -5.53 -41.62
CA HIS A 489 -4.17 -5.02 -40.63
C HIS A 489 -3.44 -4.39 -39.44
N VAL A 490 -2.60 -5.18 -38.79
CA VAL A 490 -1.82 -4.72 -37.64
C VAL A 490 -0.96 -3.51 -37.97
N LYS A 491 -0.41 -3.48 -39.17
CA LYS A 491 0.44 -2.36 -39.57
C LYS A 491 -0.31 -1.03 -39.68
N GLN A 492 -1.57 -1.07 -40.10
CA GLN A 492 -2.35 0.15 -40.24
C GLN A 492 -2.91 0.61 -38.90
N LEU A 493 -3.03 -0.31 -37.95
CA LEU A 493 -3.53 0.00 -36.62
C LEU A 493 -2.40 0.68 -35.83
N ILE A 494 -1.20 0.12 -35.93
CA ILE A 494 -0.02 0.65 -35.25
C ILE A 494 0.24 2.10 -35.67
N ALA A 495 -0.08 2.41 -36.92
CA ALA A 495 0.11 3.75 -37.45
C ALA A 495 -1.07 4.62 -37.06
N LEU A 496 -2.26 4.02 -37.07
CA LEU A 496 -3.47 4.73 -36.69
C LEU A 496 -3.25 5.23 -35.27
N ARG A 497 -2.55 4.40 -34.48
CA ARG A 497 -2.24 4.74 -33.09
C ARG A 497 -1.15 5.81 -33.05
N LYS A 498 -0.02 5.53 -33.70
CA LYS A 498 1.10 6.47 -33.71
C LYS A 498 0.70 7.90 -34.03
N GLN A 499 -0.42 8.09 -34.72
CA GLN A 499 -0.85 9.42 -35.10
C GLN A 499 -2.05 9.95 -34.31
N TYR A 500 -2.84 9.04 -33.75
CA TYR A 500 -4.01 9.44 -32.98
C TYR A 500 -3.78 9.26 -31.48
N ARG A 501 -3.33 10.33 -30.83
CA ARG A 501 -3.03 10.34 -29.40
C ARG A 501 -4.01 9.60 -28.52
N ALA A 502 -5.26 10.02 -28.54
CA ALA A 502 -6.29 9.39 -27.71
C ALA A 502 -6.18 7.88 -27.69
N LEU A 503 -5.73 7.28 -28.79
CA LEU A 503 -5.61 5.83 -28.87
C LEU A 503 -4.54 5.25 -27.97
N ARG A 504 -3.39 5.93 -27.87
CA ARG A 504 -2.30 5.44 -27.04
C ARG A 504 -2.31 5.96 -25.61
N ARG A 505 -2.64 7.23 -25.42
CA ARG A 505 -2.69 7.76 -24.07
C ARG A 505 -3.89 8.67 -23.85
N GLY A 506 -5.07 8.05 -23.77
CA GLY A 506 -6.29 8.81 -23.57
C GLY A 506 -7.24 8.03 -22.68
N ASP A 507 -8.41 8.57 -22.42
CA ASP A 507 -9.37 7.88 -21.57
C ASP A 507 -10.45 7.16 -22.36
N VAL A 508 -10.71 5.90 -22.01
CA VAL A 508 -11.73 5.12 -22.68
C VAL A 508 -13.11 5.50 -22.14
N ALA A 509 -14.15 4.87 -22.68
CA ALA A 509 -15.52 5.15 -22.25
C ALA A 509 -16.44 4.20 -23.01
N PHE A 510 -16.79 3.09 -22.37
CA PHE A 510 -17.64 2.10 -23.01
C PHE A 510 -19.11 2.49 -23.13
N LEU A 511 -19.76 1.95 -24.15
CA LEU A 511 -21.17 2.20 -24.42
C LEU A 511 -21.81 0.88 -24.82
N THR A 512 -22.05 0.03 -23.82
CA THR A 512 -22.63 -1.28 -24.05
C THR A 512 -24.08 -1.33 -23.54
N ALA A 513 -24.85 -2.29 -24.02
CA ALA A 513 -26.25 -2.43 -23.60
C ALA A 513 -26.49 -3.83 -23.05
N ASP A 514 -27.41 -3.93 -22.09
CA ASP A 514 -27.72 -5.21 -21.46
C ASP A 514 -28.38 -6.20 -22.40
N ASP A 515 -29.20 -5.70 -23.31
CA ASP A 515 -29.89 -6.56 -24.27
C ASP A 515 -28.96 -6.95 -25.42
N GLU A 516 -28.25 -5.96 -25.96
CA GLU A 516 -27.33 -6.20 -27.05
C GLU A 516 -26.04 -6.77 -26.50
N VAL A 517 -26.07 -8.07 -26.24
CA VAL A 517 -24.94 -8.80 -25.69
C VAL A 517 -23.68 -8.81 -26.55
N ASN A 518 -23.81 -8.47 -27.84
CA ASN A 518 -22.66 -8.49 -28.73
C ASN A 518 -22.23 -7.18 -29.38
N HIS A 519 -22.67 -6.06 -28.84
CA HIS A 519 -22.28 -4.79 -29.43
C HIS A 519 -21.42 -3.96 -28.50
N LEU A 520 -20.14 -3.79 -28.86
CA LEU A 520 -19.23 -3.01 -28.05
C LEU A 520 -18.81 -1.75 -28.78
N VAL A 521 -19.03 -0.61 -28.16
CA VAL A 521 -18.67 0.67 -28.76
C VAL A 521 -18.10 1.55 -27.66
N TYR A 522 -16.85 1.99 -27.84
CA TYR A 522 -16.21 2.83 -26.86
C TYR A 522 -15.50 3.99 -27.51
N ALA A 523 -15.27 5.05 -26.74
CA ALA A 523 -14.61 6.23 -27.27
C ALA A 523 -13.32 6.59 -26.57
N LYS A 524 -12.24 6.65 -27.34
CA LYS A 524 -10.95 7.04 -26.79
C LYS A 524 -10.93 8.55 -26.89
N THR A 525 -10.72 9.22 -25.76
CA THR A 525 -10.69 10.67 -25.75
C THR A 525 -9.40 11.18 -25.13
N ASP A 526 -9.03 12.40 -25.50
CA ASP A 526 -7.82 13.03 -25.01
C ASP A 526 -7.86 14.49 -25.42
N GLY A 527 -8.46 15.31 -24.58
CA GLY A 527 -8.58 16.72 -24.89
C GLY A 527 -9.64 16.83 -25.96
N ASN A 528 -9.30 17.48 -27.07
CA ASN A 528 -10.23 17.65 -28.16
C ASN A 528 -10.38 16.37 -28.98
N GLU A 529 -9.36 15.52 -28.92
CA GLU A 529 -9.34 14.27 -29.68
C GLU A 529 -10.39 13.26 -29.25
N THR A 530 -10.96 12.60 -30.25
CA THR A 530 -11.98 11.58 -30.03
C THR A 530 -11.88 10.55 -31.14
N VAL A 531 -11.74 9.29 -30.78
CA VAL A 531 -11.65 8.23 -31.76
C VAL A 531 -12.59 7.12 -31.32
N MET A 532 -13.78 7.09 -31.91
CA MET A 532 -14.77 6.08 -31.57
C MET A 532 -14.40 4.74 -32.16
N ILE A 533 -14.85 3.66 -31.53
CA ILE A 533 -14.57 2.32 -32.01
C ILE A 533 -15.79 1.42 -31.91
N ILE A 534 -16.42 1.15 -33.05
CA ILE A 534 -17.59 0.29 -33.09
C ILE A 534 -17.09 -1.12 -33.33
N ILE A 535 -17.81 -2.11 -32.80
CA ILE A 535 -17.42 -3.50 -32.97
C ILE A 535 -18.64 -4.40 -32.88
N ASN A 536 -18.75 -5.34 -33.82
CA ASN A 536 -19.85 -6.27 -33.83
C ASN A 536 -19.29 -7.67 -33.59
N ARG A 537 -19.22 -8.07 -32.33
CA ARG A 537 -18.72 -9.38 -31.98
C ARG A 537 -19.84 -10.37 -32.20
N SER A 538 -20.15 -10.58 -33.48
CA SER A 538 -21.20 -11.49 -33.90
C SER A 538 -20.77 -12.14 -35.21
N ASN A 539 -21.56 -13.07 -35.71
CA ASN A 539 -21.23 -13.73 -36.97
C ASN A 539 -22.35 -13.48 -37.97
N GLU A 540 -23.00 -12.33 -37.82
CA GLU A 540 -24.09 -11.92 -38.71
C GLU A 540 -24.17 -10.40 -38.74
N ALA A 541 -24.28 -9.83 -39.94
CA ALA A 541 -24.35 -8.38 -40.07
C ALA A 541 -25.22 -7.78 -38.97
N ALA A 542 -24.78 -6.63 -38.43
CA ALA A 542 -25.51 -5.97 -37.36
C ALA A 542 -25.60 -4.45 -37.53
N GLU A 543 -26.50 -3.85 -36.78
CA GLU A 543 -26.73 -2.41 -36.83
C GLU A 543 -26.46 -1.79 -35.47
N ILE A 544 -25.19 -1.51 -35.19
CA ILE A 544 -24.81 -0.91 -33.92
C ILE A 544 -24.84 0.61 -34.01
N PRO A 545 -25.64 1.26 -33.15
CA PRO A 545 -25.75 2.73 -33.15
C PRO A 545 -24.54 3.39 -32.49
N MET A 546 -24.26 4.61 -32.89
CA MET A 546 -23.14 5.35 -32.34
C MET A 546 -23.53 6.81 -32.29
N PRO A 547 -23.50 7.40 -31.08
CA PRO A 547 -23.87 8.80 -30.92
C PRO A 547 -22.77 9.78 -31.33
N ILE A 548 -23.16 10.81 -32.08
CA ILE A 548 -22.22 11.83 -32.53
C ILE A 548 -22.48 13.10 -31.74
N ASP A 549 -21.42 13.82 -31.39
CA ASP A 549 -21.56 15.07 -30.64
C ASP A 549 -21.90 16.20 -31.59
N ALA A 550 -22.83 17.05 -31.17
CA ALA A 550 -23.25 18.18 -31.99
C ALA A 550 -22.09 19.08 -32.38
N ARG A 551 -21.13 19.20 -31.46
CA ARG A 551 -19.95 20.03 -31.71
C ARG A 551 -19.06 19.46 -32.82
N GLY A 552 -19.29 18.19 -33.17
CA GLY A 552 -18.49 17.56 -34.20
C GLY A 552 -18.75 18.12 -35.59
N LYS A 553 -17.68 18.36 -36.35
CA LYS A 553 -17.80 18.87 -37.71
C LYS A 553 -17.75 17.74 -38.71
N TRP A 554 -16.65 16.99 -38.68
CA TRP A 554 -16.49 15.86 -39.60
C TRP A 554 -16.60 14.54 -38.85
N LEU A 555 -16.45 13.45 -39.59
CA LEU A 555 -16.52 12.11 -39.01
C LEU A 555 -15.76 11.21 -39.95
N VAL A 556 -14.46 11.46 -40.04
CA VAL A 556 -13.61 10.68 -40.92
C VAL A 556 -13.44 9.25 -40.45
N ASN A 557 -13.73 8.32 -41.35
CA ASN A 557 -13.59 6.90 -41.09
C ASN A 557 -12.11 6.65 -41.28
N LEU A 558 -11.50 5.90 -40.38
CA LEU A 558 -10.08 5.59 -40.50
C LEU A 558 -10.00 4.39 -41.43
N LEU A 559 -8.78 3.91 -41.68
CA LEU A 559 -8.56 2.77 -42.57
C LEU A 559 -9.30 2.77 -43.91
N THR A 560 -10.11 3.80 -44.19
CA THR A 560 -10.83 3.87 -45.47
C THR A 560 -10.81 5.31 -45.96
N GLY A 561 -10.97 6.25 -45.05
CA GLY A 561 -10.95 7.65 -45.43
C GLY A 561 -12.30 8.30 -45.62
N GLU A 562 -13.35 7.51 -45.80
CA GLU A 562 -14.69 8.06 -46.00
C GLU A 562 -14.98 9.07 -44.90
N ARG A 563 -14.90 10.35 -45.24
CA ARG A 563 -15.15 11.40 -44.25
C ARG A 563 -16.46 12.13 -44.49
N PHE A 564 -17.42 11.94 -43.60
CA PHE A 564 -18.70 12.61 -43.75
C PHE A 564 -18.93 13.58 -42.60
N ALA A 565 -20.17 14.06 -42.47
CA ALA A 565 -20.50 15.01 -41.41
C ALA A 565 -21.53 14.47 -40.43
N ALA A 566 -21.39 14.90 -39.18
CA ALA A 566 -22.29 14.49 -38.11
C ALA A 566 -23.75 14.75 -38.47
N GLU A 567 -24.20 15.98 -38.17
CA GLU A 567 -25.56 16.43 -38.44
C GLU A 567 -26.64 15.51 -37.86
N ALA A 568 -26.27 14.66 -36.92
CA ALA A 568 -27.24 13.75 -36.30
C ALA A 568 -26.96 13.54 -34.82
N GLU A 569 -27.91 12.92 -34.13
CA GLU A 569 -27.78 12.63 -32.70
C GLU A 569 -27.22 11.22 -32.54
N THR A 570 -27.43 10.40 -33.57
CA THR A 570 -26.95 9.03 -33.57
C THR A 570 -26.68 8.59 -35.00
N LEU A 571 -25.87 7.56 -35.16
CA LEU A 571 -25.51 7.05 -36.48
C LEU A 571 -25.48 5.52 -36.47
N CYS A 572 -26.59 4.91 -36.88
CA CYS A 572 -26.69 3.46 -36.92
C CYS A 572 -25.65 2.79 -37.80
N VAL A 573 -24.52 2.44 -37.21
CA VAL A 573 -23.42 1.79 -37.92
C VAL A 573 -23.76 0.36 -38.29
N SER A 574 -23.69 0.05 -39.59
CA SER A 574 -23.98 -1.29 -40.10
C SER A 574 -22.66 -2.00 -40.32
N LEU A 575 -22.49 -3.16 -39.71
CA LEU A 575 -21.25 -3.88 -39.85
C LEU A 575 -21.48 -5.31 -40.26
N PRO A 576 -20.52 -5.90 -40.97
CA PRO A 576 -20.60 -7.28 -41.43
C PRO A 576 -20.35 -8.20 -40.25
N PRO A 577 -20.45 -9.52 -40.45
CA PRO A 577 -20.24 -10.51 -39.40
C PRO A 577 -19.39 -10.03 -38.24
N TYR A 578 -18.08 -10.22 -38.30
CA TYR A 578 -17.23 -9.79 -37.20
C TYR A 578 -16.57 -8.48 -37.54
N GLY A 579 -17.32 -7.63 -38.23
CA GLY A 579 -16.81 -6.34 -38.65
C GLY A 579 -16.49 -5.36 -37.53
N PHE A 580 -16.03 -4.18 -37.92
CA PHE A 580 -15.67 -3.14 -36.99
C PHE A 580 -15.32 -1.89 -37.77
N VAL A 581 -15.14 -0.78 -37.08
CA VAL A 581 -14.79 0.46 -37.75
C VAL A 581 -14.37 1.51 -36.73
N LEU A 582 -13.51 2.41 -37.17
CA LEU A 582 -13.01 3.50 -36.32
C LEU A 582 -13.45 4.84 -36.90
N TYR A 583 -13.69 5.80 -36.02
CA TYR A 583 -14.08 7.14 -36.45
C TYR A 583 -13.32 8.17 -35.62
N ALA A 584 -12.95 9.27 -36.26
CA ALA A 584 -12.23 10.31 -35.55
C ALA A 584 -13.01 11.60 -35.70
N VAL A 585 -13.97 11.80 -34.79
CA VAL A 585 -14.80 12.99 -34.81
C VAL A 585 -13.97 14.26 -34.82
N GLU A 586 -14.41 15.26 -35.57
CA GLU A 586 -13.70 16.54 -35.66
C GLU A 586 -14.26 17.50 -34.61
N SER A 587 -14.33 18.79 -34.93
CA SER A 587 -14.85 19.76 -33.97
C SER A 587 -15.16 21.13 -34.56
N TRP A 588 -16.44 21.40 -34.77
CA TRP A 588 -16.90 22.67 -35.32
C TRP A 588 -18.43 22.65 -35.53
N MET B 1 -27.32 -12.20 -1.32
CA MET B 1 -26.07 -12.06 -0.52
C MET B 1 -25.25 -10.85 -0.96
N ARG B 2 -25.90 -9.69 -1.02
CA ARG B 2 -25.28 -8.42 -1.40
C ARG B 2 -23.76 -8.48 -1.68
N LYS B 3 -23.39 -8.44 -2.96
CA LYS B 3 -21.99 -8.51 -3.35
C LYS B 3 -21.26 -7.17 -3.22
N GLU B 4 -22.01 -6.09 -3.08
CA GLU B 4 -21.39 -4.78 -2.94
C GLU B 4 -20.62 -4.69 -1.62
N ALA B 5 -21.04 -5.48 -0.65
CA ALA B 5 -20.42 -5.49 0.67
C ALA B 5 -19.16 -6.35 0.74
N ILE B 6 -19.17 -7.47 0.04
CA ILE B 6 -18.02 -8.36 0.03
C ILE B 6 -16.81 -7.69 -0.62
N HIS B 7 -15.62 -7.96 -0.10
CA HIS B 7 -14.40 -7.38 -0.64
C HIS B 7 -13.13 -7.91 -0.02
N HIS B 8 -12.09 -7.98 -0.84
CA HIS B 8 -10.77 -8.42 -0.43
C HIS B 8 -9.73 -7.87 -1.39
N ARG B 9 -8.48 -7.86 -0.94
CA ARG B 9 -7.36 -7.41 -1.76
C ARG B 9 -6.10 -8.05 -1.20
N SER B 10 -5.21 -8.47 -2.08
CA SER B 10 -4.00 -9.13 -1.65
C SER B 10 -2.96 -8.16 -1.11
N THR B 11 -3.40 -7.08 -0.46
CA THR B 11 -2.46 -6.12 0.10
C THR B 11 -2.93 -5.53 1.41
N ASP B 12 -1.98 -4.96 2.16
CA ASP B 12 -2.25 -4.33 3.45
C ASP B 12 -2.93 -5.21 4.51
N ASN B 13 -3.90 -4.64 5.21
CA ASN B 13 -4.62 -5.30 6.29
C ASN B 13 -5.47 -6.48 5.87
N PHE B 14 -5.96 -6.46 4.63
CA PHE B 14 -6.81 -7.56 4.18
C PHE B 14 -6.01 -8.83 3.94
N ALA B 15 -4.71 -8.68 3.70
CA ALA B 15 -3.83 -9.83 3.47
C ALA B 15 -2.38 -9.42 3.72
N TYR B 16 -1.74 -10.13 4.65
CA TYR B 16 -0.36 -9.84 5.02
C TYR B 16 0.21 -11.04 5.75
N ALA B 17 1.49 -10.99 6.08
CA ALA B 17 2.13 -12.09 6.79
C ALA B 17 2.35 -11.71 8.26
N TYR B 18 1.94 -12.60 9.16
CA TYR B 18 2.08 -12.36 10.60
C TYR B 18 3.51 -12.67 11.01
N ASP B 19 3.93 -13.90 10.71
CA ASP B 19 5.29 -14.33 11.01
C ASP B 19 5.89 -14.89 9.72
N SER B 20 7.12 -15.37 9.78
CA SER B 20 7.78 -15.90 8.61
C SER B 20 7.18 -17.21 8.12
N GLU B 21 6.04 -17.61 8.66
CA GLU B 21 5.43 -18.85 8.24
C GLU B 21 3.90 -18.82 8.16
N THR B 22 3.29 -17.75 8.67
CA THR B 22 1.84 -17.64 8.67
C THR B 22 1.30 -16.39 7.96
N LEU B 23 0.16 -16.56 7.29
CA LEU B 23 -0.47 -15.46 6.58
C LEU B 23 -1.83 -15.19 7.22
N HIS B 24 -2.26 -13.94 7.14
CA HIS B 24 -3.56 -13.53 7.69
C HIS B 24 -4.38 -13.00 6.50
N LEU B 25 -5.48 -13.67 6.18
CA LEU B 25 -6.31 -13.23 5.07
C LEU B 25 -7.71 -12.93 5.56
N ARG B 26 -8.06 -11.64 5.61
CA ARG B 26 -9.36 -11.20 6.09
C ARG B 26 -10.36 -10.81 5.00
N LEU B 27 -11.59 -11.29 5.15
CA LEU B 27 -12.66 -11.02 4.19
C LEU B 27 -13.75 -10.16 4.81
N GLN B 28 -14.09 -9.08 4.14
CA GLN B 28 -15.14 -8.18 4.60
C GLN B 28 -16.44 -8.48 3.87
N THR B 29 -17.53 -8.62 4.61
CA THR B 29 -18.85 -8.89 4.01
C THR B 29 -19.91 -8.02 4.70
N LYS B 30 -21.14 -8.05 4.20
CA LYS B 30 -22.21 -7.25 4.79
C LYS B 30 -22.51 -7.72 6.21
N LYS B 31 -23.18 -6.85 6.98
CA LYS B 31 -23.57 -7.12 8.37
C LYS B 31 -23.70 -8.60 8.70
N ASN B 32 -24.92 -9.12 8.59
CA ASN B 32 -25.15 -10.53 8.86
C ASN B 32 -25.70 -11.14 7.59
N ASP B 33 -24.97 -10.93 6.50
CA ASP B 33 -25.35 -11.43 5.18
C ASP B 33 -24.87 -12.86 5.00
N VAL B 34 -23.68 -13.15 5.52
CA VAL B 34 -23.09 -14.48 5.39
C VAL B 34 -22.98 -15.27 6.69
N ASP B 35 -23.57 -16.45 6.70
CA ASP B 35 -23.54 -17.32 7.88
C ASP B 35 -22.23 -18.07 7.96
N HIS B 36 -21.51 -18.09 6.84
CA HIS B 36 -20.23 -18.78 6.79
C HIS B 36 -19.33 -18.13 5.74
N VAL B 37 -18.16 -18.73 5.54
CA VAL B 37 -17.20 -18.25 4.55
C VAL B 37 -15.90 -18.99 4.78
N GLU B 38 -15.63 -19.93 3.89
CA GLU B 38 -14.43 -20.75 3.97
C GLU B 38 -13.34 -20.13 3.11
N LEU B 39 -12.10 -20.52 3.39
CA LEU B 39 -10.95 -20.03 2.65
C LEU B 39 -10.48 -21.13 1.72
N LEU B 40 -10.60 -20.90 0.42
CA LEU B 40 -10.17 -21.86 -0.57
C LEU B 40 -8.72 -21.52 -0.91
N PHE B 41 -7.83 -22.49 -0.74
CA PHE B 41 -6.42 -22.22 -1.00
C PHE B 41 -5.61 -23.40 -1.52
N GLY B 42 -4.38 -23.09 -1.92
CA GLY B 42 -3.47 -24.09 -2.44
C GLY B 42 -2.24 -23.44 -3.07
N ASP B 43 -1.17 -24.20 -3.24
CA ASP B 43 0.04 -23.67 -3.86
C ASP B 43 -0.24 -23.43 -5.33
N PRO B 44 0.24 -22.30 -5.87
CA PRO B 44 0.01 -21.99 -7.29
C PRO B 44 0.72 -22.96 -8.22
N TYR B 45 1.40 -23.95 -7.65
CA TYR B 45 2.13 -24.91 -8.45
C TYR B 45 1.66 -26.32 -8.14
N GLU B 46 0.54 -26.43 -7.44
CA GLU B 46 -0.05 -27.71 -7.07
C GLU B 46 -1.17 -28.07 -8.05
N TRP B 47 -0.85 -28.98 -8.95
CA TRP B 47 -1.79 -29.43 -9.97
C TRP B 47 -1.91 -30.95 -9.99
N HIS B 48 -2.90 -31.42 -10.73
CA HIS B 48 -3.15 -32.85 -10.88
C HIS B 48 -4.18 -33.03 -11.97
N ASP B 49 -3.84 -33.85 -12.97
CA ASP B 49 -4.75 -34.10 -14.08
C ASP B 49 -5.16 -32.79 -14.73
N GLY B 50 -4.19 -31.89 -14.90
CA GLY B 50 -4.48 -30.61 -15.52
C GLY B 50 -5.52 -29.80 -14.77
N ALA B 51 -5.53 -29.94 -13.45
CA ALA B 51 -6.47 -29.20 -12.61
C ALA B 51 -5.72 -28.71 -11.39
N TRP B 52 -5.89 -27.42 -11.06
CA TRP B 52 -5.20 -26.85 -9.91
C TRP B 52 -5.76 -27.42 -8.62
N GLN B 53 -4.89 -28.06 -7.85
CA GLN B 53 -5.31 -28.66 -6.59
C GLN B 53 -5.43 -27.63 -5.47
N PHE B 54 -6.37 -27.86 -4.57
CA PHE B 54 -6.61 -26.96 -3.45
C PHE B 54 -7.60 -27.56 -2.45
N GLN B 55 -7.50 -27.16 -1.19
CA GLN B 55 -8.40 -27.63 -0.14
C GLN B 55 -9.03 -26.38 0.47
N THR B 56 -9.99 -26.56 1.37
CA THR B 56 -10.63 -25.39 1.96
C THR B 56 -10.75 -25.46 3.48
N MET B 57 -10.39 -24.36 4.13
CA MET B 57 -10.45 -24.24 5.58
C MET B 57 -11.53 -23.23 5.99
N PRO B 58 -12.10 -23.39 7.19
CA PRO B 58 -13.14 -22.45 7.66
C PRO B 58 -12.56 -21.18 8.25
N MET B 59 -13.24 -20.07 8.01
CA MET B 59 -12.82 -18.76 8.52
C MET B 59 -13.82 -18.28 9.56
N ARG B 60 -13.33 -17.73 10.66
CA ARG B 60 -14.22 -17.25 11.72
C ARG B 60 -14.36 -15.75 11.72
N LYS B 61 -15.54 -15.29 12.15
CA LYS B 61 -15.81 -13.86 12.22
C LYS B 61 -15.02 -13.33 13.42
N THR B 62 -14.39 -12.17 13.28
CA THR B 62 -13.60 -11.62 14.36
C THR B 62 -13.99 -10.21 14.75
N GLY B 63 -15.19 -9.80 14.37
CA GLY B 63 -15.63 -8.47 14.71
C GLY B 63 -16.63 -7.97 13.70
N SER B 64 -16.79 -6.65 13.61
CA SER B 64 -17.72 -6.06 12.66
C SER B 64 -18.08 -4.64 13.09
N ASP B 65 -17.76 -3.65 12.25
CA ASP B 65 -18.12 -2.28 12.58
C ASP B 65 -19.63 -2.17 12.42
N GLY B 66 -20.12 -1.01 12.06
CA GLY B 66 -21.54 -0.84 11.91
C GLY B 66 -22.15 -1.58 10.73
N LEU B 67 -21.41 -1.69 9.64
CA LEU B 67 -21.95 -2.34 8.46
C LEU B 67 -21.31 -3.66 8.05
N PHE B 68 -20.01 -3.78 8.24
CA PHE B 68 -19.34 -5.00 7.81
C PHE B 68 -19.12 -6.05 8.87
N ASP B 69 -18.49 -7.17 8.49
CA ASP B 69 -18.26 -8.25 9.43
C ASP B 69 -16.79 -8.63 9.65
N TYR B 70 -16.02 -8.73 8.58
CA TYR B 70 -14.60 -9.10 8.69
C TYR B 70 -14.44 -10.52 9.22
N TRP B 71 -13.86 -11.38 8.39
CA TRP B 71 -13.60 -12.76 8.78
C TRP B 71 -12.09 -12.86 8.76
N LEU B 72 -11.55 -13.98 9.22
CA LEU B 72 -10.10 -14.12 9.22
C LEU B 72 -9.68 -15.54 8.91
N ALA B 73 -8.53 -15.65 8.26
CA ALA B 73 -8.00 -16.95 7.91
C ALA B 73 -6.50 -17.03 8.21
N GLU B 74 -6.15 -17.91 9.13
CA GLU B 74 -4.76 -18.11 9.51
C GLU B 74 -4.28 -19.32 8.78
N VAL B 75 -3.42 -19.11 7.78
CA VAL B 75 -2.90 -20.21 6.99
C VAL B 75 -1.39 -20.14 6.83
N LYS B 76 -0.73 -21.29 6.94
CA LYS B 76 0.71 -21.39 6.78
C LYS B 76 0.91 -22.15 5.48
N PRO B 77 1.09 -21.41 4.37
CA PRO B 77 1.27 -22.09 3.09
C PRO B 77 2.58 -22.85 2.98
N PRO B 78 2.53 -24.10 2.51
CA PRO B 78 3.76 -24.89 2.36
C PRO B 78 4.58 -24.25 1.24
N TYR B 79 5.90 -24.25 1.38
CA TYR B 79 6.76 -23.66 0.35
C TYR B 79 6.65 -22.13 0.31
N ARG B 80 5.81 -21.57 1.17
CA ARG B 80 5.62 -20.12 1.26
C ARG B 80 4.87 -19.38 0.15
N ARG B 81 4.28 -20.11 -0.81
CA ARG B 81 3.52 -19.45 -1.86
C ARG B 81 2.10 -19.99 -1.85
N LEU B 82 1.13 -19.12 -2.11
CA LEU B 82 -0.26 -19.54 -2.08
C LEU B 82 -1.21 -18.67 -2.89
N ARG B 83 -2.20 -19.34 -3.50
CA ARG B 83 -3.25 -18.69 -4.31
C ARG B 83 -4.56 -18.99 -3.58
N TYR B 84 -5.42 -17.99 -3.46
CA TYR B 84 -6.65 -18.20 -2.71
C TYR B 84 -7.92 -17.51 -3.20
N GLY B 85 -9.05 -18.00 -2.71
CA GLY B 85 -10.35 -17.47 -3.02
C GLY B 85 -11.21 -17.73 -1.80
N PHE B 86 -12.40 -17.15 -1.75
CA PHE B 86 -13.28 -17.37 -0.60
C PHE B 86 -14.63 -17.98 -0.99
N VAL B 87 -15.12 -18.88 -0.14
CA VAL B 87 -16.40 -19.57 -0.35
C VAL B 87 -17.41 -19.19 0.72
N LEU B 88 -18.15 -18.10 0.52
CA LEU B 88 -19.13 -17.67 1.50
C LEU B 88 -20.54 -18.19 1.24
N ARG B 89 -21.08 -18.92 2.21
CA ARG B 89 -22.42 -19.49 2.10
C ARG B 89 -23.42 -18.91 3.10
N ALA B 90 -24.50 -18.34 2.58
CA ALA B 90 -25.54 -17.76 3.43
C ALA B 90 -26.84 -18.55 3.24
N GLY B 91 -26.85 -19.78 3.74
CA GLY B 91 -28.02 -20.62 3.62
C GLY B 91 -27.86 -21.55 2.43
N GLY B 92 -28.74 -21.41 1.44
CA GLY B 92 -28.67 -22.26 0.27
C GLY B 92 -27.76 -21.62 -0.77
N GLU B 93 -27.61 -20.30 -0.66
CA GLU B 93 -26.77 -19.54 -1.57
C GLU B 93 -25.30 -19.88 -1.34
N LYS B 94 -24.57 -20.08 -2.43
CA LYS B 94 -23.14 -20.38 -2.35
C LYS B 94 -22.41 -19.62 -3.44
N LEU B 95 -21.51 -18.74 -3.01
CA LEU B 95 -20.72 -17.94 -3.93
C LEU B 95 -19.26 -18.35 -3.77
N VAL B 96 -18.44 -18.00 -4.76
CA VAL B 96 -17.02 -18.30 -4.71
C VAL B 96 -16.28 -17.05 -5.15
N TYR B 97 -16.16 -16.10 -4.23
CA TYR B 97 -15.49 -14.84 -4.48
C TYR B 97 -14.03 -15.11 -4.86
N THR B 98 -13.56 -14.46 -5.93
CA THR B 98 -12.19 -14.60 -6.40
C THR B 98 -11.72 -13.25 -6.93
N GLU B 99 -10.42 -13.11 -7.16
CA GLU B 99 -9.89 -11.86 -7.66
C GLU B 99 -10.51 -11.53 -9.01
N LYS B 100 -10.90 -12.56 -9.75
CA LYS B 100 -11.51 -12.39 -11.05
C LYS B 100 -13.00 -12.09 -10.96
N GLY B 101 -13.66 -12.64 -9.95
CA GLY B 101 -15.09 -12.40 -9.78
C GLY B 101 -15.76 -13.49 -8.97
N PHE B 102 -17.07 -13.60 -9.10
CA PHE B 102 -17.83 -14.59 -8.37
C PHE B 102 -18.13 -15.83 -9.22
N TYR B 103 -18.31 -16.97 -8.56
CA TYR B 103 -18.59 -18.23 -9.24
C TYR B 103 -19.42 -19.15 -8.34
N HIS B 104 -20.48 -19.72 -8.88
CA HIS B 104 -21.33 -20.63 -8.11
C HIS B 104 -20.49 -21.83 -7.70
N GLU B 105 -19.33 -21.96 -8.32
CA GLU B 105 -18.43 -23.07 -8.02
C GLU B 105 -16.97 -22.65 -8.13
N ALA B 106 -16.09 -23.43 -7.52
CA ALA B 106 -14.67 -23.12 -7.54
C ALA B 106 -13.94 -23.52 -8.82
N PRO B 107 -13.52 -22.54 -9.62
CA PRO B 107 -12.81 -22.84 -10.88
C PRO B 107 -11.51 -23.60 -10.57
N SER B 108 -11.21 -24.63 -11.36
CA SER B 108 -10.00 -25.41 -11.13
C SER B 108 -9.06 -25.51 -12.33
N ASP B 109 -9.53 -25.10 -13.50
CA ASP B 109 -8.70 -25.17 -14.69
C ASP B 109 -7.54 -24.18 -14.68
N ASP B 110 -7.72 -23.06 -13.97
CA ASP B 110 -6.67 -22.04 -13.92
C ASP B 110 -6.50 -21.45 -12.52
N THR B 111 -5.29 -20.99 -12.21
CA THR B 111 -5.01 -20.38 -10.93
C THR B 111 -5.27 -18.89 -11.06
N ALA B 112 -5.07 -18.37 -12.27
CA ALA B 112 -5.27 -16.96 -12.55
C ALA B 112 -6.62 -16.45 -12.06
N TYR B 113 -7.50 -17.37 -11.70
CA TYR B 113 -8.83 -17.03 -11.22
C TYR B 113 -8.80 -16.32 -9.88
N TYR B 114 -8.07 -16.93 -8.94
CA TYR B 114 -7.97 -16.46 -7.57
C TYR B 114 -6.95 -15.39 -7.20
N PHE B 115 -7.12 -14.83 -6.00
CA PHE B 115 -6.23 -13.82 -5.45
C PHE B 115 -4.89 -14.53 -5.24
N CYS B 116 -3.81 -13.77 -5.03
CA CYS B 116 -2.52 -14.43 -4.83
C CYS B 116 -1.51 -13.77 -3.93
N PHE B 117 -0.88 -14.57 -3.08
CA PHE B 117 0.18 -14.12 -2.20
C PHE B 117 1.41 -14.84 -2.71
N PRO B 118 2.16 -14.21 -3.63
CA PRO B 118 3.38 -14.73 -4.26
C PRO B 118 4.33 -15.49 -3.35
N PHE B 119 5.01 -14.78 -2.46
CA PHE B 119 5.95 -15.42 -1.55
C PHE B 119 6.07 -14.73 -0.20
N LEU B 120 5.99 -15.54 0.85
CA LEU B 120 6.12 -15.04 2.21
C LEU B 120 7.59 -14.82 2.52
N HIS B 121 7.99 -13.57 2.66
CA HIS B 121 9.37 -13.21 2.94
C HIS B 121 9.52 -12.55 4.29
N ARG B 122 10.47 -13.06 5.08
CA ARG B 122 10.72 -12.49 6.40
C ARG B 122 11.04 -11.00 6.27
N VAL B 123 11.89 -10.66 5.32
CA VAL B 123 12.29 -9.28 5.10
C VAL B 123 11.14 -8.31 4.87
N ASP B 124 10.03 -8.78 4.35
CA ASP B 124 8.91 -7.89 4.10
C ASP B 124 7.89 -7.97 5.22
N LEU B 125 8.19 -8.83 6.18
CA LEU B 125 7.32 -9.02 7.34
C LEU B 125 7.34 -7.73 8.16
N PHE B 126 6.18 -7.30 8.64
CA PHE B 126 6.13 -6.09 9.46
C PHE B 126 6.50 -6.51 10.88
N GLN B 127 7.66 -6.06 11.36
CA GLN B 127 8.11 -6.43 12.70
C GLN B 127 8.59 -5.27 13.55
N ALA B 128 7.75 -4.86 14.50
CA ALA B 128 8.10 -3.78 15.41
C ALA B 128 8.81 -4.44 16.60
N PRO B 129 9.61 -3.67 17.35
CA PRO B 129 10.32 -4.24 18.50
C PRO B 129 9.34 -4.87 19.49
N ASP B 130 9.61 -6.12 19.88
CA ASP B 130 8.74 -6.84 20.79
C ASP B 130 8.60 -6.24 22.18
N TRP B 131 9.55 -5.40 22.57
CA TRP B 131 9.50 -4.80 23.90
C TRP B 131 8.44 -3.72 24.08
N VAL B 132 8.20 -2.93 23.04
CA VAL B 132 7.20 -1.87 23.16
C VAL B 132 5.81 -2.44 23.40
N LYS B 133 5.64 -3.74 23.14
CA LYS B 133 4.34 -4.38 23.32
C LYS B 133 3.98 -4.59 24.79
N ASP B 134 4.98 -4.54 25.66
CA ASP B 134 4.76 -4.77 27.08
C ASP B 134 4.87 -3.50 27.95
N THR B 135 5.48 -2.44 27.42
CA THR B 135 5.65 -1.22 28.18
C THR B 135 4.45 -0.30 28.25
N VAL B 136 4.53 0.67 29.16
CA VAL B 136 3.50 1.68 29.37
C VAL B 136 4.24 3.00 29.34
N TRP B 137 3.96 3.82 28.32
CA TRP B 137 4.63 5.09 28.18
C TRP B 137 4.11 6.21 29.05
N TYR B 138 4.99 7.15 29.34
CA TYR B 138 4.69 8.32 30.15
C TYR B 138 5.40 9.44 29.43
N GLN B 139 4.65 10.40 28.91
CA GLN B 139 5.25 11.50 28.15
C GLN B 139 5.40 12.79 28.94
N ILE B 140 6.65 13.20 29.20
CA ILE B 140 6.89 14.43 29.95
C ILE B 140 7.24 15.59 29.01
N PHE B 141 6.88 16.79 29.43
CA PHE B 141 7.15 18.02 28.68
C PHE B 141 8.17 18.80 29.52
N PRO B 142 9.45 18.39 29.44
CA PRO B 142 10.58 18.97 30.17
C PRO B 142 10.36 20.35 30.81
N GLU B 143 9.98 21.32 29.98
CA GLU B 143 9.77 22.67 30.46
C GLU B 143 8.66 22.84 31.51
N ARG B 144 8.10 21.73 32.00
CA ARG B 144 7.03 21.82 32.99
C ARG B 144 6.89 20.58 33.86
N PHE B 145 7.97 19.83 34.04
CA PHE B 145 7.89 18.62 34.86
C PHE B 145 8.49 18.83 36.24
N ALA B 146 9.81 18.92 36.29
CA ALA B 146 10.53 19.11 37.56
C ALA B 146 11.79 19.94 37.34
N ASN B 147 11.94 20.98 38.16
CA ASN B 147 13.08 21.87 38.08
C ASN B 147 14.30 21.28 38.78
N GLY B 148 15.42 21.26 38.07
CA GLY B 148 16.66 20.75 38.66
C GLY B 148 17.65 21.90 38.64
N ASN B 149 18.92 21.60 38.91
CA ASN B 149 19.97 22.62 38.93
C ASN B 149 19.55 23.85 38.13
N PRO B 150 18.95 24.84 38.81
CA PRO B 150 18.48 26.08 38.18
C PRO B 150 19.44 26.79 37.23
N ALA B 151 19.54 26.24 36.03
CA ALA B 151 20.37 26.78 34.94
C ALA B 151 19.29 27.11 33.92
N ILE B 152 18.16 27.59 34.45
CA ILE B 152 17.00 27.92 33.65
C ILE B 152 16.91 29.34 33.14
N SER B 153 15.82 29.63 32.44
CA SER B 153 15.59 30.95 31.87
C SER B 153 15.02 31.92 32.89
N PRO B 154 15.45 33.19 32.82
CA PRO B 154 14.96 34.22 33.75
C PRO B 154 13.50 34.60 33.54
N LYS B 155 12.59 33.88 34.21
CA LYS B 155 11.16 34.15 34.09
C LYS B 155 10.32 33.30 35.04
N GLY B 156 9.07 33.71 35.20
CA GLY B 156 8.10 33.04 36.06
C GLY B 156 8.54 31.84 36.89
N ALA B 157 8.41 31.96 38.21
CA ALA B 157 8.78 30.88 39.11
C ALA B 157 7.79 29.75 38.90
N ARG B 158 7.70 28.82 39.84
CA ARG B 158 6.77 27.71 39.72
C ARG B 158 5.33 28.24 39.64
N PRO B 159 4.34 27.35 39.46
CA PRO B 159 2.90 27.62 39.34
C PRO B 159 2.34 28.98 39.75
N TRP B 160 1.13 29.25 39.26
CA TRP B 160 0.44 30.50 39.54
C TRP B 160 -0.93 30.22 40.19
N GLY B 161 -1.94 31.00 39.81
CA GLY B 161 -3.28 30.83 40.36
C GLY B 161 -3.78 29.42 40.09
N SER B 162 -4.78 28.98 40.85
CA SER B 162 -5.34 27.65 40.67
C SER B 162 -5.63 27.47 39.19
N GLU B 163 -5.87 28.59 38.51
CA GLU B 163 -6.14 28.59 37.09
C GLU B 163 -5.55 29.85 36.45
N ASP B 164 -5.11 29.72 35.21
CA ASP B 164 -4.52 30.80 34.40
C ASP B 164 -3.00 30.71 34.15
N PRO B 165 -2.34 29.64 34.63
CA PRO B 165 -0.90 29.60 34.36
C PRO B 165 -0.63 29.22 32.91
N THR B 166 0.55 28.68 32.65
CA THR B 166 0.91 28.27 31.29
C THR B 166 0.63 29.40 30.31
N PRO B 167 1.46 30.46 30.33
CA PRO B 167 1.32 31.62 29.46
C PRO B 167 2.26 31.59 28.27
N THR B 168 2.56 30.40 27.77
CA THR B 168 3.48 30.27 26.65
C THR B 168 4.81 30.88 27.09
N SER B 169 5.24 30.51 28.31
CA SER B 169 6.48 31.00 28.89
C SER B 169 7.14 29.91 29.74
N PHE B 170 8.46 29.98 29.86
CA PHE B 170 9.22 29.00 30.63
C PHE B 170 8.99 29.11 32.13
N PHE B 171 9.01 27.97 32.80
CA PHE B 171 8.81 27.92 34.24
C PHE B 171 10.05 27.40 34.96
N GLY B 172 11.05 26.98 34.19
CA GLY B 172 12.28 26.49 34.79
C GLY B 172 12.60 25.02 34.65
N GLY B 173 11.59 24.19 34.36
CA GLY B 173 11.82 22.77 34.22
C GLY B 173 13.08 22.43 33.44
N ASP B 174 13.60 21.22 33.66
CA ASP B 174 14.80 20.78 32.96
C ASP B 174 15.00 19.28 33.08
N LEU B 175 16.07 18.79 32.45
CA LEU B 175 16.39 17.36 32.45
C LEU B 175 16.73 16.84 33.84
N GLN B 176 17.33 17.71 34.66
CA GLN B 176 17.70 17.33 36.02
C GLN B 176 16.45 16.93 36.80
N GLY B 177 15.34 17.59 36.48
CA GLY B 177 14.08 17.29 37.14
C GLY B 177 13.68 15.83 37.01
N ILE B 178 13.62 15.34 35.77
CA ILE B 178 13.25 13.95 35.50
C ILE B 178 14.17 13.00 36.26
N ILE B 179 15.47 13.26 36.19
CA ILE B 179 16.43 12.41 36.88
C ILE B 179 16.14 12.30 38.37
N ASP B 180 15.45 13.30 38.91
CA ASP B 180 15.12 13.33 40.34
C ASP B 180 13.85 12.57 40.70
N HIS B 181 12.75 12.90 40.03
CA HIS B 181 11.48 12.22 40.30
C HIS B 181 11.36 10.92 39.54
N LEU B 182 12.49 10.33 39.17
CA LEU B 182 12.50 9.08 38.42
C LEU B 182 11.86 7.95 39.23
N ASP B 183 11.96 8.04 40.55
CA ASP B 183 11.39 7.02 41.42
C ASP B 183 9.88 7.14 41.54
N TYR B 184 9.36 8.33 41.24
CA TYR B 184 7.92 8.58 41.29
C TYR B 184 7.30 7.70 40.21
N LEU B 185 7.85 7.79 39.01
CA LEU B 185 7.41 7.01 37.86
C LEU B 185 7.70 5.54 38.09
N ALA B 186 8.90 5.24 38.57
CA ALA B 186 9.30 3.87 38.84
C ALA B 186 8.33 3.23 39.83
N ASP B 187 7.63 4.05 40.61
CA ASP B 187 6.68 3.53 41.56
C ASP B 187 5.37 3.33 40.81
N LEU B 188 4.98 4.37 40.08
CA LEU B 188 3.75 4.34 39.29
C LEU B 188 3.72 3.07 38.45
N GLY B 189 4.85 2.77 37.81
CA GLY B 189 4.94 1.58 36.99
C GLY B 189 5.24 1.77 35.52
N ILE B 190 5.50 3.00 35.08
CA ILE B 190 5.81 3.26 33.67
C ILE B 190 7.16 2.66 33.26
N THR B 191 7.19 2.04 32.09
CA THR B 191 8.39 1.40 31.58
C THR B 191 9.05 2.13 30.41
N GLY B 192 8.82 3.43 30.32
CA GLY B 192 9.41 4.20 29.24
C GLY B 192 8.86 5.62 29.20
N ILE B 193 9.74 6.58 28.95
CA ILE B 193 9.32 7.97 28.87
C ILE B 193 9.53 8.54 27.46
N TYR B 194 8.52 9.25 26.97
CA TYR B 194 8.60 9.89 25.66
C TYR B 194 8.66 11.36 26.03
N LEU B 195 9.77 12.02 25.73
CA LEU B 195 9.84 13.43 26.06
C LEU B 195 10.02 14.39 24.90
N THR B 196 9.16 15.40 24.90
CA THR B 196 9.11 16.47 23.92
C THR B 196 10.52 16.97 23.56
N PRO B 197 10.68 17.67 22.42
CA PRO B 197 12.00 18.16 22.01
C PRO B 197 12.82 18.83 23.11
N ILE B 198 14.10 18.49 23.17
CA ILE B 198 15.01 19.02 24.17
C ILE B 198 16.30 19.54 23.51
N PHE B 199 16.23 19.81 22.21
CA PHE B 199 17.38 20.30 21.49
C PHE B 199 17.34 21.81 21.42
N ARG B 200 18.50 22.42 21.61
CA ARG B 200 18.66 23.87 21.59
C ARG B 200 17.63 24.60 20.75
N ALA B 201 16.80 25.41 21.40
CA ALA B 201 15.76 26.18 20.71
C ALA B 201 15.15 27.23 21.62
N PRO B 202 14.98 28.46 21.11
CA PRO B 202 14.41 29.59 21.85
C PRO B 202 12.90 29.48 22.02
N SER B 203 12.46 28.56 22.87
CA SER B 203 11.03 28.38 23.08
C SER B 203 10.76 27.35 24.17
N ASN B 204 9.60 27.48 24.81
CA ASN B 204 9.18 26.56 25.85
C ASN B 204 8.91 25.19 25.22
N HIS B 205 8.81 25.19 23.91
CA HIS B 205 8.59 23.97 23.13
C HIS B 205 9.70 24.00 22.08
N LYS B 206 10.61 23.04 22.14
CA LYS B 206 11.72 23.01 21.21
C LYS B 206 11.37 22.48 19.83
N TYR B 207 10.32 23.03 19.23
CA TYR B 207 9.91 22.62 17.90
C TYR B 207 10.51 23.58 16.87
N ASP B 208 10.89 24.76 17.36
CA ASP B 208 11.51 25.80 16.54
C ASP B 208 13.01 25.45 16.50
N THR B 209 13.29 24.16 16.67
CA THR B 209 14.66 23.63 16.70
C THR B 209 15.72 24.50 16.02
N ALA B 210 16.80 24.78 16.75
CA ALA B 210 17.88 25.60 16.24
C ALA B 210 19.18 24.82 16.09
N ASP B 211 19.26 23.65 16.73
CA ASP B 211 20.46 22.83 16.64
C ASP B 211 20.22 21.39 17.07
N TYR B 212 19.94 20.52 16.11
CA TYR B 212 19.65 19.12 16.37
C TYR B 212 20.76 18.34 17.09
N PHE B 213 21.95 18.92 17.14
CA PHE B 213 23.06 18.24 17.80
C PHE B 213 23.40 18.78 19.18
N GLU B 214 22.70 19.82 19.62
CA GLU B 214 22.99 20.39 20.93
C GLU B 214 21.75 20.57 21.80
N ILE B 215 21.78 19.93 22.98
CA ILE B 215 20.69 20.01 23.95
C ILE B 215 20.55 21.43 24.49
N ASP B 216 19.34 21.98 24.44
CA ASP B 216 19.11 23.32 24.94
C ASP B 216 19.77 23.45 26.31
N PRO B 217 20.72 24.40 26.44
CA PRO B 217 21.42 24.58 27.71
C PRO B 217 20.45 24.47 28.87
N HIS B 218 19.34 25.18 28.78
CA HIS B 218 18.31 25.19 29.81
C HIS B 218 17.94 23.81 30.35
N PHE B 219 17.93 22.80 29.50
CA PHE B 219 17.58 21.45 29.95
C PHE B 219 18.78 20.74 30.52
N GLY B 220 19.98 21.14 30.09
CA GLY B 220 21.18 20.49 30.61
C GLY B 220 22.26 20.25 29.58
N ASP B 221 22.96 19.14 29.71
CA ASP B 221 24.04 18.79 28.78
C ASP B 221 24.16 17.27 28.61
N LYS B 222 24.98 16.86 27.64
CA LYS B 222 25.17 15.45 27.34
C LYS B 222 25.31 14.62 28.60
N GLU B 223 25.93 15.20 29.62
CA GLU B 223 26.13 14.50 30.89
C GLU B 223 24.78 14.26 31.55
N THR B 224 24.04 15.35 31.78
CA THR B 224 22.73 15.26 32.40
C THR B 224 21.92 14.21 31.67
N LEU B 225 21.95 14.27 30.34
CA LEU B 225 21.22 13.31 29.51
C LEU B 225 21.75 11.90 29.71
N LYS B 226 23.07 11.76 29.62
CA LYS B 226 23.71 10.46 29.78
C LYS B 226 23.26 9.80 31.09
N THR B 227 22.91 10.62 32.07
CA THR B 227 22.47 10.12 33.38
C THR B 227 21.03 9.65 33.32
N LEU B 228 20.17 10.52 32.80
CA LEU B 228 18.75 10.21 32.65
C LEU B 228 18.59 8.83 32.03
N VAL B 229 19.35 8.58 30.97
CA VAL B 229 19.27 7.29 30.30
C VAL B 229 19.80 6.20 31.22
N LYS B 230 21.09 6.26 31.55
CA LYS B 230 21.69 5.26 32.43
C LYS B 230 20.72 4.86 33.52
N ARG B 231 20.28 5.87 34.26
CA ARG B 231 19.34 5.69 35.37
C ARG B 231 18.06 4.97 34.96
N CYS B 232 17.49 5.39 33.83
CA CYS B 232 16.27 4.81 33.30
C CYS B 232 16.45 3.34 32.98
N HIS B 233 17.46 3.04 32.15
CA HIS B 233 17.73 1.66 31.77
C HIS B 233 17.90 0.88 33.06
N GLU B 234 18.41 1.55 34.08
CA GLU B 234 18.62 0.92 35.38
C GLU B 234 17.27 0.50 35.94
N LYS B 235 16.29 1.40 35.84
CA LYS B 235 14.93 1.17 36.34
C LYS B 235 14.05 0.35 35.40
N GLY B 236 14.47 0.21 34.15
CA GLY B 236 13.69 -0.53 33.18
C GLY B 236 12.84 0.42 32.36
N ILE B 237 13.32 1.64 32.21
CA ILE B 237 12.62 2.67 31.45
C ILE B 237 13.39 2.94 30.16
N ARG B 238 12.66 3.04 29.06
CA ARG B 238 13.26 3.31 27.76
C ARG B 238 12.99 4.78 27.45
N VAL B 239 14.01 5.51 27.03
CA VAL B 239 13.84 6.91 26.71
C VAL B 239 13.59 7.12 25.22
N MET B 240 12.51 7.82 24.88
CA MET B 240 12.16 8.10 23.49
C MET B 240 12.21 9.61 23.30
N LEU B 241 13.05 10.06 22.37
CA LEU B 241 13.20 11.48 22.09
C LEU B 241 12.32 11.93 20.93
N ASP B 242 12.20 13.24 20.76
CA ASP B 242 11.36 13.78 19.69
C ASP B 242 12.20 14.33 18.53
N ALA B 243 11.94 13.80 17.34
CA ALA B 243 12.62 14.21 16.13
C ALA B 243 11.76 15.19 15.35
N VAL B 244 12.24 16.41 15.20
CA VAL B 244 11.54 17.45 14.46
C VAL B 244 12.29 17.68 13.15
N PHE B 245 12.05 16.81 12.18
CA PHE B 245 12.71 16.89 10.88
C PHE B 245 11.89 17.58 9.78
N ASN B 246 10.58 17.69 9.98
CA ASN B 246 9.74 18.32 8.97
C ASN B 246 10.00 19.80 8.80
N HIS B 247 10.55 20.42 9.84
CA HIS B 247 10.88 21.85 9.78
C HIS B 247 11.96 22.22 10.78
N CYS B 248 12.26 23.51 10.84
CA CYS B 248 13.28 24.01 11.75
C CYS B 248 12.81 25.34 12.33
N GLY B 249 13.71 26.01 13.05
CA GLY B 249 13.34 27.29 13.64
C GLY B 249 14.00 28.45 12.93
N TYR B 250 13.45 29.63 13.12
CA TYR B 250 13.97 30.84 12.50
C TYR B 250 15.44 31.04 12.89
N GLU B 251 15.92 30.21 13.82
CA GLU B 251 17.29 30.30 14.28
C GLU B 251 18.25 29.23 13.74
N PHE B 252 17.71 28.25 13.02
CA PHE B 252 18.54 27.19 12.45
C PHE B 252 19.64 27.81 11.57
N ALA B 253 20.88 27.39 11.80
CA ALA B 253 22.02 27.92 11.04
C ALA B 253 21.76 28.07 9.54
N PRO B 254 21.50 26.96 8.83
CA PRO B 254 21.24 27.03 7.38
C PRO B 254 20.23 28.09 6.98
N PHE B 255 19.09 28.12 7.65
CA PHE B 255 18.06 29.11 7.35
C PHE B 255 18.57 30.51 7.68
N GLN B 256 19.33 30.61 8.76
CA GLN B 256 19.87 31.90 9.17
C GLN B 256 20.82 32.35 8.06
N ASP B 257 21.43 31.37 7.39
CA ASP B 257 22.37 31.65 6.32
C ASP B 257 21.66 32.03 5.01
N VAL B 258 20.36 31.80 4.95
CA VAL B 258 19.61 32.14 3.75
C VAL B 258 19.12 33.59 3.88
N LEU B 259 19.73 34.31 4.82
CA LEU B 259 19.39 35.71 5.06
C LEU B 259 20.62 36.61 4.83
N LYS B 260 21.81 36.01 4.98
CA LYS B 260 23.05 36.74 4.78
C LYS B 260 23.72 36.18 3.53
N ASN B 261 22.90 35.71 2.60
CA ASN B 261 23.39 35.15 1.36
C ASN B 261 22.26 35.12 0.33
N GLY B 262 21.09 34.65 0.76
CA GLY B 262 19.96 34.59 -0.15
C GLY B 262 20.13 33.51 -1.21
N ALA B 263 20.11 33.93 -2.48
CA ALA B 263 20.27 32.99 -3.59
C ALA B 263 21.68 32.42 -3.62
N ALA B 264 22.63 33.15 -3.03
CA ALA B 264 24.02 32.73 -2.98
C ALA B 264 24.22 31.74 -1.84
N SER B 265 23.26 31.70 -0.93
CA SER B 265 23.33 30.79 0.20
C SER B 265 23.43 29.37 -0.35
N ARG B 266 24.45 28.64 0.09
CA ARG B 266 24.65 27.26 -0.34
C ARG B 266 23.51 26.41 0.21
N TYR B 267 22.63 27.04 0.98
CA TYR B 267 21.49 26.37 1.60
C TYR B 267 20.16 26.88 1.08
N LYS B 268 20.12 27.25 -0.20
CA LYS B 268 18.89 27.75 -0.80
C LYS B 268 17.87 26.64 -0.99
N ASP B 269 18.34 25.48 -1.43
CA ASP B 269 17.48 24.33 -1.67
C ASP B 269 17.34 23.43 -0.45
N TRP B 270 17.79 23.93 0.70
CA TRP B 270 17.68 23.17 1.94
C TRP B 270 16.23 23.35 2.40
N PHE B 271 15.55 24.30 1.77
CA PHE B 271 14.15 24.62 2.09
C PHE B 271 13.22 24.61 0.88
N HIS B 272 12.03 25.18 1.04
CA HIS B 272 11.04 25.25 -0.03
C HIS B 272 10.67 26.72 -0.32
N ILE B 273 11.66 27.50 -0.75
CA ILE B 273 11.45 28.93 -1.05
C ILE B 273 10.92 29.15 -2.46
N ARG B 274 9.60 29.24 -2.60
CA ARG B 274 8.99 29.44 -3.91
C ARG B 274 9.47 30.74 -4.55
N GLU B 275 9.37 31.83 -3.80
CA GLU B 275 9.80 33.13 -4.30
C GLU B 275 10.87 33.65 -3.36
N PHE B 276 11.90 34.27 -3.90
CA PHE B 276 12.96 34.78 -3.05
C PHE B 276 12.62 36.11 -2.40
N PRO B 277 13.65 36.78 -1.88
CA PRO B 277 13.46 38.04 -1.18
C PRO B 277 12.79 37.67 0.14
N LEU B 278 12.74 36.36 0.39
CA LEU B 278 12.14 35.77 1.60
C LEU B 278 11.19 36.72 2.32
N GLN B 279 9.95 36.80 1.84
CA GLN B 279 8.96 37.67 2.44
C GLN B 279 7.85 36.89 3.12
N THR B 280 7.78 36.98 4.44
CA THR B 280 6.77 36.29 5.22
C THR B 280 5.67 37.27 5.61
N GLU B 281 5.45 38.25 4.73
CA GLU B 281 4.45 39.30 4.94
C GLU B 281 3.10 38.77 5.39
N PRO B 282 2.11 38.79 4.50
CA PRO B 282 0.78 38.29 4.81
C PRO B 282 0.94 36.90 5.41
N ARG B 283 1.97 36.19 4.94
CA ARG B 283 2.29 34.85 5.40
C ARG B 283 3.56 34.43 4.68
N PRO B 284 4.28 33.46 5.22
CA PRO B 284 5.52 33.01 4.57
C PRO B 284 5.37 32.80 3.07
N ASN B 285 6.42 33.13 2.32
CA ASN B 285 6.40 32.93 0.87
C ASN B 285 7.14 31.64 0.54
N TYR B 286 7.34 30.84 1.57
CA TYR B 286 7.99 29.54 1.46
C TYR B 286 7.17 28.60 2.32
N ASP B 287 7.31 27.29 2.13
CA ASP B 287 6.52 26.34 2.91
C ASP B 287 6.92 26.33 4.39
N THR B 288 5.91 26.35 5.26
CA THR B 288 6.13 26.35 6.71
C THR B 288 5.22 25.32 7.37
N PHE B 289 5.47 25.03 8.65
CA PHE B 289 4.67 24.04 9.37
C PHE B 289 3.18 24.17 9.12
N ALA B 290 2.64 25.31 9.50
CA ALA B 290 1.22 25.58 9.30
C ALA B 290 1.19 26.79 8.40
N PHE B 291 1.72 27.88 8.92
CA PHE B 291 1.83 29.15 8.22
C PHE B 291 2.81 29.92 9.08
N VAL B 292 3.54 29.16 9.89
CA VAL B 292 4.55 29.66 10.83
C VAL B 292 5.85 30.07 10.15
N PRO B 293 6.06 31.37 9.96
CA PRO B 293 7.30 31.83 9.32
C PRO B 293 8.50 31.28 10.08
N HIS B 294 8.43 31.38 11.41
CA HIS B 294 9.49 30.88 12.26
C HIS B 294 9.36 29.36 12.34
N MET B 295 9.28 28.74 11.18
CA MET B 295 9.15 27.29 11.08
C MET B 295 9.19 26.91 9.61
N PRO B 296 10.35 27.10 8.95
CA PRO B 296 10.47 26.77 7.53
C PRO B 296 10.51 25.26 7.29
N LYS B 297 9.82 24.83 6.24
CA LYS B 297 9.79 23.42 5.89
C LYS B 297 11.12 23.02 5.29
N LEU B 298 11.67 21.91 5.76
CA LEU B 298 12.95 21.42 5.26
C LEU B 298 12.72 20.64 3.95
N ASN B 299 13.77 20.46 3.18
CA ASN B 299 13.69 19.72 1.92
C ASN B 299 14.38 18.37 2.08
N THR B 300 13.62 17.39 2.54
CA THR B 300 14.15 16.05 2.78
C THR B 300 14.57 15.32 1.51
N ALA B 301 14.16 15.85 0.36
CA ALA B 301 14.49 15.23 -0.93
C ALA B 301 15.91 15.63 -1.33
N HIS B 302 16.48 16.57 -0.59
CA HIS B 302 17.83 17.06 -0.87
C HIS B 302 18.88 16.17 -0.21
N PRO B 303 19.84 15.68 -1.00
CA PRO B 303 20.91 14.81 -0.50
C PRO B 303 21.58 15.28 0.78
N GLU B 304 21.91 16.56 0.86
CA GLU B 304 22.56 17.12 2.05
C GLU B 304 21.62 17.05 3.24
N VAL B 305 20.48 17.73 3.13
CA VAL B 305 19.49 17.72 4.19
C VAL B 305 19.28 16.28 4.64
N LYS B 306 18.88 15.44 3.71
CA LYS B 306 18.64 14.03 3.99
C LYS B 306 19.81 13.40 4.76
N ARG B 307 21.02 13.80 4.42
CA ARG B 307 22.21 13.28 5.08
C ARG B 307 22.41 13.87 6.47
N TYR B 308 21.88 15.08 6.66
CA TYR B 308 21.97 15.80 7.94
C TYR B 308 21.10 15.14 9.00
N LEU B 309 19.78 15.23 8.79
CA LEU B 309 18.82 14.65 9.72
C LEU B 309 19.15 13.19 9.99
N LEU B 310 19.58 12.47 8.97
CA LEU B 310 19.91 11.05 9.12
C LEU B 310 21.15 10.83 9.99
N ASP B 311 21.99 11.85 10.11
CA ASP B 311 23.18 11.75 10.94
C ASP B 311 22.75 12.13 12.36
N VAL B 312 21.65 12.87 12.43
CA VAL B 312 21.07 13.31 13.70
C VAL B 312 20.33 12.14 14.34
N ALA B 313 19.55 11.43 13.53
CA ALA B 313 18.78 10.30 14.01
C ALA B 313 19.68 9.22 14.61
N THR B 314 20.91 9.13 14.11
CA THR B 314 21.85 8.11 14.60
C THR B 314 22.78 8.60 15.69
N TYR B 315 22.97 9.92 15.76
CA TYR B 315 23.84 10.51 16.75
C TYR B 315 23.36 10.18 18.17
N TRP B 316 22.17 10.67 18.51
CA TRP B 316 21.59 10.42 19.82
C TRP B 316 21.29 8.97 20.13
N ILE B 317 21.45 8.08 19.14
CA ILE B 317 21.22 6.65 19.35
C ILE B 317 22.56 6.00 19.63
N ARG B 318 23.62 6.67 19.20
CA ARG B 318 24.97 6.18 19.39
C ARG B 318 25.50 6.75 20.70
N GLU B 319 25.48 8.08 20.80
CA GLU B 319 25.99 8.79 21.97
C GLU B 319 25.13 8.72 23.22
N PHE B 320 23.91 8.21 23.13
CA PHE B 320 23.06 8.17 24.32
C PHE B 320 22.22 6.92 24.51
N ASP B 321 22.35 5.98 23.59
CA ASP B 321 21.61 4.72 23.67
C ASP B 321 20.11 4.86 23.85
N ILE B 322 19.53 5.96 23.37
CA ILE B 322 18.09 6.16 23.49
C ILE B 322 17.40 4.99 22.80
N ASP B 323 16.19 4.65 23.22
CA ASP B 323 15.48 3.51 22.64
C ASP B 323 14.34 3.83 21.68
N GLY B 324 14.23 5.09 21.24
CA GLY B 324 13.15 5.42 20.33
C GLY B 324 13.30 6.76 19.64
N TRP B 325 12.32 7.07 18.80
CA TRP B 325 12.30 8.33 18.06
C TRP B 325 10.84 8.67 17.73
N ARG B 326 10.39 9.84 18.19
CA ARG B 326 9.04 10.31 17.91
C ARG B 326 9.21 11.22 16.72
N LEU B 327 8.34 11.11 15.74
CA LEU B 327 8.47 11.94 14.56
C LEU B 327 7.39 12.98 14.45
N ASP B 328 7.75 14.22 14.74
CA ASP B 328 6.80 15.32 14.70
C ASP B 328 6.40 15.61 13.27
N VAL B 329 5.09 15.66 13.03
CA VAL B 329 4.57 15.92 11.70
C VAL B 329 5.27 14.97 10.73
N ALA B 330 5.29 13.69 11.09
CA ALA B 330 5.94 12.66 10.29
C ALA B 330 5.22 12.40 8.98
N ASN B 331 3.90 12.60 8.98
CA ASN B 331 3.13 12.36 7.79
C ASN B 331 3.36 13.39 6.69
N GLU B 332 4.01 14.49 7.03
CA GLU B 332 4.28 15.54 6.03
C GLU B 332 5.67 15.43 5.40
N ILE B 333 6.29 14.26 5.57
CA ILE B 333 7.62 14.02 5.03
C ILE B 333 7.57 12.89 3.97
N ASP B 334 8.22 13.12 2.84
CA ASP B 334 8.24 12.18 1.73
C ASP B 334 8.66 10.75 2.09
N HIS B 335 7.74 9.81 1.87
CA HIS B 335 7.98 8.39 2.16
C HIS B 335 9.40 7.93 1.89
N GLN B 336 10.04 8.50 0.87
CA GLN B 336 11.39 8.11 0.53
C GLN B 336 12.30 8.22 1.74
N PHE B 337 12.34 9.41 2.32
CA PHE B 337 13.17 9.66 3.48
C PHE B 337 12.98 8.65 4.62
N TRP B 338 11.73 8.36 4.98
CA TRP B 338 11.48 7.45 6.08
C TRP B 338 12.05 6.04 5.92
N ARG B 339 12.10 5.51 4.70
CA ARG B 339 12.66 4.18 4.52
C ARG B 339 14.17 4.25 4.72
N GLU B 340 14.75 5.42 4.44
CA GLU B 340 16.18 5.65 4.61
C GLU B 340 16.45 5.80 6.10
N PHE B 341 15.50 6.46 6.76
CA PHE B 341 15.55 6.71 8.18
C PHE B 341 15.53 5.37 8.90
N ARG B 342 14.53 4.56 8.58
CA ARG B 342 14.38 3.25 9.19
C ARG B 342 15.60 2.37 8.96
N GLN B 343 16.19 2.48 7.78
CA GLN B 343 17.36 1.68 7.46
C GLN B 343 18.57 2.05 8.31
N ALA B 344 18.75 3.34 8.53
CA ALA B 344 19.87 3.83 9.34
C ALA B 344 19.74 3.40 10.80
N VAL B 345 18.67 3.86 11.43
CA VAL B 345 18.40 3.56 12.84
C VAL B 345 18.23 2.07 13.17
N LYS B 346 17.56 1.31 12.31
CA LYS B 346 17.37 -0.11 12.57
C LYS B 346 18.65 -0.87 12.28
N ALA B 347 19.59 -0.20 11.64
CA ALA B 347 20.87 -0.81 11.32
C ALA B 347 21.81 -0.60 12.50
N LEU B 348 21.65 0.54 13.16
CA LEU B 348 22.45 0.93 14.32
C LEU B 348 22.00 0.17 15.55
N LYS B 349 20.78 0.43 15.98
CA LYS B 349 20.18 -0.20 17.14
C LYS B 349 18.77 -0.68 16.77
N PRO B 350 18.66 -1.87 16.18
CA PRO B 350 17.40 -2.47 15.75
C PRO B 350 16.23 -2.33 16.71
N ASP B 351 16.51 -2.20 18.00
CA ASP B 351 15.43 -2.08 18.98
C ASP B 351 14.85 -0.68 19.14
N VAL B 352 15.40 0.30 18.44
CA VAL B 352 14.87 1.66 18.54
C VAL B 352 13.43 1.63 18.06
N TYR B 353 12.57 2.40 18.73
CA TYR B 353 11.16 2.46 18.37
C TYR B 353 10.91 3.69 17.51
N ILE B 354 10.43 3.48 16.29
CA ILE B 354 10.13 4.60 15.39
C ILE B 354 8.64 4.90 15.43
N LEU B 355 8.28 5.98 16.10
CA LEU B 355 6.90 6.38 16.24
C LEU B 355 6.64 7.64 15.41
N GLY B 356 5.53 7.65 14.68
CA GLY B 356 5.23 8.81 13.87
C GLY B 356 3.94 9.49 14.27
N GLU B 357 3.93 10.81 14.29
CA GLU B 357 2.74 11.54 14.65
C GLU B 357 1.80 11.63 13.45
N ILE B 358 0.72 10.86 13.49
CA ILE B 358 -0.29 10.85 12.44
C ILE B 358 -1.68 10.69 13.07
N TRP B 359 -2.45 11.78 13.10
CA TRP B 359 -3.77 11.77 13.70
C TRP B 359 -4.84 11.15 12.80
N HIS B 360 -4.42 10.48 11.74
CA HIS B 360 -5.35 9.85 10.81
C HIS B 360 -4.82 8.50 10.35
N ASP B 361 -5.52 7.90 9.39
CA ASP B 361 -5.13 6.60 8.86
C ASP B 361 -3.69 6.64 8.37
N ALA B 362 -2.84 5.79 8.94
CA ALA B 362 -1.44 5.76 8.54
C ALA B 362 -1.01 4.43 7.89
N MET B 363 -1.92 3.79 7.18
CA MET B 363 -1.59 2.54 6.51
C MET B 363 -0.37 2.75 5.61
N PRO B 364 -0.36 3.83 4.82
CA PRO B 364 0.79 4.08 3.94
C PRO B 364 2.14 4.06 4.65
N TRP B 365 2.13 4.29 5.96
CA TRP B 365 3.36 4.33 6.75
C TRP B 365 3.63 3.09 7.61
N LEU B 366 2.60 2.25 7.75
CA LEU B 366 2.73 1.04 8.55
C LEU B 366 2.77 -0.23 7.70
N ARG B 367 3.63 -0.23 6.68
CA ARG B 367 3.75 -1.39 5.80
C ARG B 367 4.98 -2.21 6.17
N GLY B 368 5.74 -1.73 7.14
CA GLY B 368 6.93 -2.44 7.57
C GLY B 368 8.22 -1.87 7.01
N ASP B 369 8.10 -0.84 6.19
CA ASP B 369 9.28 -0.23 5.59
C ASP B 369 9.61 1.13 6.18
N GLN B 370 8.68 1.68 6.96
CA GLN B 370 8.91 2.99 7.55
C GLN B 370 8.80 3.03 9.08
N PHE B 371 7.60 3.30 9.58
CA PHE B 371 7.36 3.39 11.02
C PHE B 371 7.04 2.06 11.68
N ASP B 372 7.11 2.07 13.01
CA ASP B 372 6.80 0.88 13.81
C ASP B 372 5.38 1.07 14.33
N ALA B 373 4.92 2.32 14.33
CA ALA B 373 3.58 2.67 14.77
C ALA B 373 3.43 4.19 14.73
N VAL B 374 2.25 4.67 15.10
CA VAL B 374 1.98 6.11 15.12
C VAL B 374 1.26 6.49 16.42
N MET B 375 1.13 7.79 16.66
CA MET B 375 0.44 8.26 17.85
C MET B 375 -1.06 8.05 17.63
N ASN B 376 -1.50 6.83 17.86
CA ASN B 376 -2.90 6.45 17.69
C ASN B 376 -3.92 7.43 18.22
N TYR B 377 -4.21 8.47 17.44
CA TYR B 377 -5.19 9.47 17.83
C TYR B 377 -6.65 9.05 17.51
N PRO B 378 -6.87 8.22 16.49
CA PRO B 378 -8.24 7.80 16.16
C PRO B 378 -8.90 7.04 17.30
N LEU B 379 -8.14 6.19 17.98
CA LEU B 379 -8.69 5.42 19.08
C LEU B 379 -9.06 6.40 20.19
N ALA B 380 -8.12 7.25 20.58
CA ALA B 380 -8.39 8.23 21.61
C ALA B 380 -9.67 8.96 21.29
N ASP B 381 -9.83 9.33 20.03
CA ASP B 381 -11.02 10.04 19.58
C ASP B 381 -12.26 9.27 20.01
N ALA B 382 -12.27 7.97 19.73
CA ALA B 382 -13.40 7.11 20.07
C ALA B 382 -13.60 6.98 21.57
N ALA B 383 -12.49 6.88 22.31
CA ALA B 383 -12.53 6.75 23.76
C ALA B 383 -13.15 8.00 24.39
N LEU B 384 -12.61 9.15 24.02
CA LEU B 384 -13.11 10.41 24.56
C LEU B 384 -14.56 10.62 24.12
N ARG B 385 -14.88 10.16 22.92
CA ARG B 385 -16.23 10.31 22.40
C ARG B 385 -17.22 9.47 23.21
N PHE B 386 -16.74 8.41 23.83
CA PHE B 386 -17.61 7.54 24.61
C PHE B 386 -17.69 7.89 26.10
N PHE B 387 -16.53 7.88 26.75
CA PHE B 387 -16.46 8.16 28.19
C PHE B 387 -16.55 9.63 28.57
N ALA B 388 -15.94 10.51 27.77
CA ALA B 388 -15.94 11.94 28.07
C ALA B 388 -17.18 12.64 27.56
N LYS B 389 -17.21 12.92 26.26
CA LYS B 389 -18.35 13.60 25.66
C LYS B 389 -19.60 12.73 25.80
N GLU B 390 -19.40 11.42 25.89
CA GLU B 390 -20.51 10.50 25.99
C GLU B 390 -21.41 10.74 24.78
N ASP B 391 -20.77 11.05 23.67
CA ASP B 391 -21.44 11.32 22.39
C ASP B 391 -22.12 10.07 21.90
N MET B 392 -21.30 9.12 21.44
CA MET B 392 -21.82 7.86 20.92
C MET B 392 -22.30 6.89 22.00
N SER B 393 -22.58 5.66 21.59
CA SER B 393 -23.08 4.65 22.50
C SER B 393 -22.06 3.56 22.76
N ALA B 394 -22.51 2.51 23.45
CA ALA B 394 -21.65 1.38 23.78
C ALA B 394 -21.47 0.52 22.54
N SER B 395 -22.51 0.43 21.74
CA SER B 395 -22.44 -0.38 20.52
C SER B 395 -21.71 0.37 19.41
N GLU B 396 -21.93 1.68 19.33
CA GLU B 396 -21.28 2.49 18.32
C GLU B 396 -19.79 2.59 18.63
N PHE B 397 -19.49 2.72 19.92
CA PHE B 397 -18.10 2.80 20.37
C PHE B 397 -17.42 1.48 20.02
N ALA B 398 -18.10 0.38 20.32
CA ALA B 398 -17.56 -0.95 20.05
C ALA B 398 -17.33 -1.13 18.56
N ASP B 399 -18.20 -0.54 17.75
CA ASP B 399 -18.11 -0.64 16.31
C ASP B 399 -16.91 0.17 15.81
N ARG B 400 -16.93 1.48 16.08
CA ARG B 400 -15.85 2.37 15.65
C ARG B 400 -14.52 1.81 16.13
N LEU B 401 -14.56 1.04 17.21
CA LEU B 401 -13.36 0.43 17.78
C LEU B 401 -12.95 -0.79 16.97
N MET B 402 -13.92 -1.65 16.68
CA MET B 402 -13.68 -2.84 15.88
C MET B 402 -13.29 -2.41 14.47
N HIS B 403 -13.64 -1.16 14.14
CA HIS B 403 -13.35 -0.61 12.83
C HIS B 403 -11.87 -0.29 12.70
N VAL B 404 -11.45 0.87 13.21
CA VAL B 404 -10.05 1.27 13.14
C VAL B 404 -9.12 0.10 13.44
N LEU B 405 -9.57 -0.79 14.31
CA LEU B 405 -8.79 -1.96 14.70
C LEU B 405 -8.52 -2.90 13.53
N HIS B 406 -9.54 -3.13 12.70
CA HIS B 406 -9.41 -4.03 11.57
C HIS B 406 -8.71 -3.41 10.35
N SER B 407 -8.67 -2.09 10.29
CA SER B 407 -8.05 -1.40 9.17
C SER B 407 -6.52 -1.51 9.16
N TYR B 408 -5.99 -2.41 9.97
CA TYR B 408 -4.53 -2.61 10.06
C TYR B 408 -4.25 -4.08 10.33
N PRO B 409 -3.05 -4.55 9.95
CA PRO B 409 -2.73 -5.96 10.21
C PRO B 409 -2.40 -6.05 11.70
N LYS B 410 -2.83 -7.14 12.34
CA LYS B 410 -2.59 -7.36 13.78
C LYS B 410 -1.29 -6.76 14.34
N GLN B 411 -0.14 -7.31 13.94
CA GLN B 411 1.15 -6.83 14.44
C GLN B 411 1.23 -5.31 14.50
N VAL B 412 0.58 -4.63 13.58
CA VAL B 412 0.60 -3.18 13.58
C VAL B 412 -0.10 -2.70 14.85
N ASN B 413 -1.29 -3.26 15.11
CA ASN B 413 -2.08 -2.91 16.28
C ASN B 413 -1.36 -3.27 17.58
N GLU B 414 -0.74 -4.45 17.58
CA GLU B 414 -0.02 -4.93 18.74
C GLU B 414 1.10 -4.00 19.18
N ALA B 415 1.38 -2.96 18.40
CA ALA B 415 2.45 -2.03 18.75
C ALA B 415 1.99 -0.57 18.67
N ALA B 416 0.68 -0.38 18.64
CA ALA B 416 0.09 0.95 18.55
C ALA B 416 0.41 1.81 19.78
N PHE B 417 0.77 3.07 19.54
CA PHE B 417 1.06 3.99 20.63
C PHE B 417 -0.29 4.56 21.06
N ASN B 418 -1.03 3.79 21.86
CA ASN B 418 -2.36 4.19 22.33
C ASN B 418 -2.38 5.23 23.45
N LEU B 419 -2.40 6.50 23.05
CA LEU B 419 -2.45 7.60 24.01
C LEU B 419 -3.88 8.11 24.05
N LEU B 420 -4.17 9.03 24.97
CA LEU B 420 -5.51 9.58 25.09
C LEU B 420 -5.42 11.09 25.01
N GLY B 421 -4.20 11.60 25.16
CA GLY B 421 -3.98 13.03 25.10
C GLY B 421 -2.50 13.31 25.13
N SER B 422 -2.14 14.57 24.93
CA SER B 422 -0.75 14.98 24.94
C SER B 422 -0.66 16.49 24.95
N HIS B 423 0.56 16.99 24.90
CA HIS B 423 0.81 18.42 24.92
C HIS B 423 0.01 19.18 23.87
N ASP B 424 -0.67 18.45 22.98
CA ASP B 424 -1.44 19.08 21.91
C ASP B 424 -2.96 18.96 22.00
N THR B 425 -3.47 18.53 23.16
CA THR B 425 -4.91 18.39 23.33
C THR B 425 -5.37 18.74 24.74
N PRO B 426 -6.65 19.09 24.92
CA PRO B 426 -7.18 19.44 26.23
C PRO B 426 -6.90 18.33 27.24
N ARG B 427 -6.72 18.71 28.49
CA ARG B 427 -6.43 17.73 29.53
C ARG B 427 -7.56 16.73 29.70
N LEU B 428 -7.19 15.47 29.93
CA LEU B 428 -8.14 14.38 30.12
C LEU B 428 -9.24 14.70 31.12
N LEU B 429 -8.84 15.31 32.24
CA LEU B 429 -9.80 15.65 33.29
C LEU B 429 -10.75 16.78 32.92
N THR B 430 -10.24 17.87 32.37
CA THR B 430 -11.11 18.97 31.99
C THR B 430 -12.09 18.47 30.95
N VAL B 431 -11.63 17.51 30.15
CA VAL B 431 -12.45 16.93 29.09
C VAL B 431 -13.54 16.03 29.66
N CYS B 432 -13.37 15.60 30.90
CA CYS B 432 -14.35 14.74 31.56
C CYS B 432 -15.34 15.54 32.40
N GLY B 433 -15.23 16.86 32.35
CA GLY B 433 -16.13 17.70 33.11
C GLY B 433 -15.76 17.71 34.59
N GLY B 434 -14.48 17.44 34.86
CA GLY B 434 -13.99 17.42 36.22
C GLY B 434 -14.44 16.18 36.97
N ASP B 435 -15.18 15.33 36.28
CA ASP B 435 -15.70 14.11 36.88
C ASP B 435 -14.65 13.00 36.88
N VAL B 436 -13.77 13.00 37.87
CA VAL B 436 -12.72 11.99 37.96
C VAL B 436 -13.30 10.58 37.90
N ARG B 437 -14.62 10.47 37.93
CA ARG B 437 -15.25 9.16 37.85
C ARG B 437 -15.05 8.60 36.45
N LYS B 438 -15.14 9.49 35.46
CA LYS B 438 -14.96 9.11 34.06
C LYS B 438 -13.49 8.89 33.73
N VAL B 439 -12.63 9.81 34.18
CA VAL B 439 -11.20 9.69 33.95
C VAL B 439 -10.71 8.30 34.39
N LYS B 440 -11.27 7.81 35.49
CA LYS B 440 -10.91 6.50 36.02
C LYS B 440 -11.34 5.42 35.04
N LEU B 441 -12.43 5.64 34.33
CA LEU B 441 -12.93 4.66 33.37
C LEU B 441 -12.03 4.66 32.13
N LEU B 442 -11.61 5.86 31.71
CA LEU B 442 -10.75 6.01 30.54
C LEU B 442 -9.41 5.31 30.74
N PHE B 443 -8.82 5.49 31.92
CA PHE B 443 -7.56 4.84 32.23
C PHE B 443 -7.79 3.33 32.24
N LEU B 444 -9.00 2.92 32.62
CA LEU B 444 -9.35 1.51 32.68
C LEU B 444 -9.41 0.93 31.28
N PHE B 445 -9.95 1.71 30.34
CA PHE B 445 -10.05 1.29 28.96
C PHE B 445 -8.65 1.15 28.38
N GLN B 446 -7.94 2.29 28.29
CA GLN B 446 -6.59 2.32 27.75
C GLN B 446 -5.67 1.23 28.30
N LEU B 447 -5.45 1.23 29.61
CA LEU B 447 -4.57 0.25 30.24
C LEU B 447 -5.10 -1.17 30.12
N THR B 448 -6.28 -1.30 29.54
CA THR B 448 -6.89 -2.61 29.34
C THR B 448 -6.86 -3.00 27.86
N PHE B 449 -6.58 -2.02 27.00
CA PHE B 449 -6.51 -2.21 25.57
C PHE B 449 -5.11 -2.55 25.07
N THR B 450 -5.02 -3.56 24.22
CA THR B 450 -3.73 -4.02 23.65
C THR B 450 -2.99 -2.91 22.92
N GLY B 451 -1.66 -2.99 22.95
CA GLY B 451 -0.84 -1.99 22.30
C GLY B 451 0.20 -1.47 23.27
N SER B 452 0.76 -0.31 22.97
CA SER B 452 1.76 0.32 23.83
C SER B 452 1.27 1.71 24.21
N PRO B 453 0.44 1.79 25.27
CA PRO B 453 -0.16 3.02 25.79
C PRO B 453 0.84 4.04 26.29
N CYS B 454 0.35 5.24 26.56
CA CYS B 454 1.18 6.33 27.06
C CYS B 454 0.33 7.31 27.86
N ILE B 455 0.83 7.71 29.03
CA ILE B 455 0.12 8.63 29.90
C ILE B 455 0.76 10.02 29.86
N TYR B 456 -0.08 11.05 29.73
CA TYR B 456 0.41 12.43 29.69
C TYR B 456 0.68 12.87 31.13
N TYR B 457 1.96 12.90 31.49
CA TYR B 457 2.38 13.26 32.85
C TYR B 457 1.35 13.77 33.84
N GLY B 458 0.79 14.95 33.60
CA GLY B 458 -0.16 15.49 34.56
C GLY B 458 -1.42 14.68 34.82
N ASP B 459 -1.99 14.12 33.76
CA ASP B 459 -3.22 13.37 33.83
C ASP B 459 -3.37 12.26 34.87
N GLU B 460 -2.28 11.71 35.38
CA GLU B 460 -2.38 10.63 36.36
C GLU B 460 -2.76 11.08 37.79
N ILE B 461 -2.46 12.33 38.12
CA ILE B 461 -2.77 12.88 39.43
C ILE B 461 -3.85 13.95 39.38
N GLY B 462 -4.97 13.62 38.74
CA GLY B 462 -6.08 14.55 38.65
C GLY B 462 -5.73 15.98 38.28
N MET B 463 -4.82 16.15 37.33
CA MET B 463 -4.43 17.49 36.90
C MET B 463 -5.52 18.02 35.97
N THR B 464 -5.56 19.33 35.76
CA THR B 464 -6.57 19.93 34.89
C THR B 464 -6.05 21.16 34.14
N GLY B 465 -6.18 21.14 32.82
CA GLY B 465 -5.70 22.25 32.02
C GLY B 465 -6.59 22.64 30.85
N GLY B 466 -6.91 21.68 30.00
CA GLY B 466 -7.74 21.97 28.85
C GLY B 466 -6.93 22.25 27.59
N ASN B 467 -7.58 22.79 26.57
CA ASN B 467 -6.94 23.10 25.29
C ASN B 467 -5.61 23.87 25.42
N ASP B 468 -4.66 23.53 24.55
CA ASP B 468 -3.34 24.15 24.53
C ASP B 468 -3.38 25.68 24.61
N PRO B 469 -2.41 26.29 25.33
CA PRO B 469 -1.31 25.69 26.07
C PRO B 469 -1.65 25.30 27.50
N GLU B 470 -2.92 25.46 27.87
CA GLU B 470 -3.38 25.12 29.21
C GLU B 470 -3.07 23.68 29.60
N CYS B 471 -2.84 22.84 28.61
CA CYS B 471 -2.55 21.44 28.87
C CYS B 471 -1.12 21.18 29.29
N ARG B 472 -0.31 22.22 29.38
CA ARG B 472 1.09 22.05 29.77
C ARG B 472 1.42 22.74 31.10
N LYS B 473 0.44 22.77 32.00
CA LYS B 473 0.64 23.38 33.32
C LYS B 473 1.81 22.69 34.00
N CYS B 474 2.47 23.37 34.93
CA CYS B 474 3.58 22.77 35.64
C CYS B 474 3.06 21.58 36.40
N MET B 475 3.85 20.51 36.46
CA MET B 475 3.44 19.30 37.17
C MET B 475 3.05 19.63 38.63
N VAL B 476 2.03 18.93 39.15
CA VAL B 476 1.57 19.15 40.52
C VAL B 476 2.26 18.16 41.44
N TRP B 477 3.37 18.56 42.04
CA TRP B 477 4.12 17.69 42.95
C TRP B 477 3.65 17.77 44.40
N ASP B 478 2.55 18.49 44.63
CA ASP B 478 2.01 18.65 45.97
C ASP B 478 1.11 17.48 46.35
N PRO B 479 1.58 16.64 47.29
CA PRO B 479 0.83 15.46 47.75
C PRO B 479 -0.61 15.78 48.14
N GLU B 480 -0.86 17.05 48.40
CA GLU B 480 -2.19 17.51 48.80
C GLU B 480 -3.00 17.99 47.61
N LYS B 481 -2.30 18.55 46.63
CA LYS B 481 -2.96 19.07 45.44
C LYS B 481 -3.15 17.99 44.34
N GLN B 482 -2.52 16.84 44.52
CA GLN B 482 -2.63 15.77 43.54
C GLN B 482 -3.50 14.59 43.98
N ASN B 483 -4.52 14.29 43.19
CA ASN B 483 -5.45 13.20 43.50
C ASN B 483 -4.77 11.83 43.64
N LYS B 484 -4.53 11.42 44.88
CA LYS B 484 -3.89 10.14 45.14
C LYS B 484 -4.86 9.00 44.88
N GLU B 485 -6.14 9.31 44.93
CA GLU B 485 -7.16 8.28 44.71
C GLU B 485 -7.05 7.82 43.28
N LEU B 486 -6.87 8.78 42.38
CA LEU B 486 -6.75 8.52 40.95
C LEU B 486 -5.38 7.93 40.67
N TYR B 487 -4.35 8.51 41.27
CA TYR B 487 -2.99 8.02 41.07
C TYR B 487 -2.93 6.54 41.47
N GLU B 488 -3.51 6.23 42.62
CA GLU B 488 -3.53 4.85 43.11
C GLU B 488 -4.21 3.96 42.08
N HIS B 489 -5.33 4.44 41.53
CA HIS B 489 -6.10 3.71 40.52
C HIS B 489 -5.21 3.28 39.35
N VAL B 490 -4.57 4.27 38.72
CA VAL B 490 -3.69 4.02 37.58
C VAL B 490 -2.56 3.06 37.93
N LYS B 491 -2.04 3.16 39.15
CA LYS B 491 -0.94 2.29 39.57
C LYS B 491 -1.34 0.82 39.66
N GLN B 492 -2.58 0.54 40.06
CA GLN B 492 -3.03 -0.84 40.18
C GLN B 492 -3.43 -1.43 38.84
N LEU B 493 -3.75 -0.55 37.89
CA LEU B 493 -4.13 -0.98 36.54
C LEU B 493 -2.86 -1.35 35.78
N ILE B 494 -1.83 -0.51 35.90
CA ILE B 494 -0.55 -0.72 35.24
C ILE B 494 0.06 -2.06 35.67
N ALA B 495 -0.21 -2.44 36.91
CA ALA B 495 0.31 -3.69 37.46
C ALA B 495 -0.61 -4.83 37.04
N LEU B 496 -1.91 -4.55 37.03
CA LEU B 496 -2.89 -5.54 36.64
C LEU B 496 -2.51 -5.97 35.22
N ARG B 497 -2.04 -4.99 34.44
CA ARG B 497 -1.61 -5.24 33.06
C ARG B 497 -0.29 -5.99 33.04
N LYS B 498 0.71 -5.44 33.70
CA LYS B 498 2.02 -6.07 33.73
C LYS B 498 2.00 -7.56 34.06
N GLN B 499 0.94 -8.01 34.73
CA GLN B 499 0.86 -9.43 35.10
C GLN B 499 -0.15 -10.23 34.29
N TYR B 500 -1.14 -9.55 33.71
CA TYR B 500 -2.16 -10.23 32.92
C TYR B 500 -1.96 -9.99 31.42
N ARG B 501 -1.23 -10.91 30.79
CA ARG B 501 -0.91 -10.85 29.37
C ARG B 501 -2.03 -10.37 28.45
N ALA B 502 -3.14 -11.09 28.45
CA ALA B 502 -4.27 -10.74 27.61
C ALA B 502 -4.54 -9.24 27.59
N LEU B 503 -4.28 -8.56 28.70
CA LEU B 503 -4.53 -7.12 28.78
C LEU B 503 -3.62 -6.30 27.88
N ARG B 504 -2.34 -6.66 27.82
CA ARG B 504 -1.39 -5.92 27.01
C ARG B 504 -1.23 -6.42 25.57
N ARG B 505 -1.24 -7.73 25.38
CA ARG B 505 -1.12 -8.25 24.03
C ARG B 505 -2.07 -9.42 23.79
N GLY B 506 -3.35 -9.12 23.70
CA GLY B 506 -4.34 -10.17 23.47
C GLY B 506 -5.44 -9.65 22.56
N ASP B 507 -6.43 -10.47 22.27
CA ASP B 507 -7.51 -10.03 21.40
C ASP B 507 -8.76 -9.62 22.17
N VAL B 508 -9.31 -8.46 21.81
CA VAL B 508 -10.51 -7.96 22.46
C VAL B 508 -11.73 -8.67 21.91
N ALA B 509 -12.91 -8.33 22.41
CA ALA B 509 -14.16 -8.94 21.97
C ALA B 509 -15.31 -8.27 22.70
N PHE B 510 -15.91 -7.28 22.06
CA PHE B 510 -16.99 -6.53 22.66
C PHE B 510 -18.32 -7.27 22.76
N LEU B 511 -19.11 -6.92 23.76
CA LEU B 511 -20.41 -7.52 24.01
C LEU B 511 -21.37 -6.40 24.38
N THR B 512 -21.79 -5.63 23.39
CA THR B 512 -22.70 -4.51 23.60
C THR B 512 -24.10 -4.84 23.06
N ALA B 513 -25.10 -4.09 23.51
CA ALA B 513 -26.47 -4.30 23.07
C ALA B 513 -27.05 -3.01 22.50
N ASP B 514 -27.95 -3.14 21.54
CA ASP B 514 -28.57 -1.98 20.90
C ASP B 514 -29.47 -1.19 21.82
N ASP B 515 -30.15 -1.88 22.72
CA ASP B 515 -31.05 -1.23 23.67
C ASP B 515 -30.26 -0.62 24.83
N GLU B 516 -29.35 -1.41 25.39
CA GLU B 516 -28.54 -0.94 26.50
C GLU B 516 -27.42 -0.07 25.97
N VAL B 517 -27.78 1.19 25.71
CA VAL B 517 -26.85 2.18 25.17
C VAL B 517 -25.64 2.50 26.06
N ASN B 518 -25.72 2.14 27.33
CA ASN B 518 -24.63 2.45 28.26
C ASN B 518 -23.90 1.28 28.92
N HIS B 519 -24.02 0.09 28.37
CA HIS B 519 -23.34 -1.04 28.99
C HIS B 519 -22.28 -1.63 28.07
N LEU B 520 -21.02 -1.47 28.45
CA LEU B 520 -19.91 -1.99 27.65
C LEU B 520 -19.21 -3.11 28.41
N VAL B 521 -19.12 -4.28 27.78
CA VAL B 521 -18.46 -5.41 28.40
C VAL B 521 -17.67 -6.12 27.31
N TYR B 522 -16.36 -6.22 27.51
CA TYR B 522 -15.50 -6.89 26.54
C TYR B 522 -14.53 -7.83 27.21
N ALA B 523 -14.03 -8.79 26.46
CA ALA B 523 -13.11 -9.77 27.00
C ALA B 523 -11.76 -9.80 26.32
N LYS B 524 -10.71 -9.58 27.11
CA LYS B 524 -9.36 -9.62 26.59
C LYS B 524 -8.97 -11.09 26.69
N THR B 525 -8.56 -11.68 25.58
CA THR B 525 -8.16 -13.08 25.56
C THR B 525 -6.78 -13.26 24.97
N ASP B 526 -6.13 -14.34 25.35
CA ASP B 526 -4.79 -14.64 24.88
C ASP B 526 -4.47 -16.07 25.29
N GLY B 527 -4.83 -17.01 24.45
CA GLY B 527 -4.59 -18.41 24.76
C GLY B 527 -5.61 -18.78 25.81
N ASN B 528 -5.14 -19.33 26.92
CA ASN B 528 -6.02 -19.72 28.00
C ASN B 528 -6.50 -18.53 28.81
N GLU B 529 -5.72 -17.45 28.78
CA GLU B 529 -6.03 -16.23 29.52
C GLU B 529 -7.29 -15.52 29.07
N THR B 530 -8.03 -15.03 30.06
CA THR B 530 -9.27 -14.30 29.82
C THR B 530 -9.46 -13.29 30.93
N VAL B 531 -9.63 -12.03 30.57
CA VAL B 531 -9.83 -10.97 31.55
C VAL B 531 -11.01 -10.14 31.08
N MET B 532 -12.18 -10.40 31.66
CA MET B 532 -13.38 -9.68 31.29
C MET B 532 -13.39 -8.28 31.89
N ILE B 533 -14.07 -7.35 31.24
CA ILE B 533 -14.14 -5.99 31.72
C ILE B 533 -15.55 -5.42 31.60
N ILE B 534 -16.24 -5.33 32.72
CA ILE B 534 -17.60 -4.78 32.74
C ILE B 534 -17.48 -3.29 32.99
N ILE B 535 -18.41 -2.52 32.44
CA ILE B 535 -18.39 -1.07 32.62
C ILE B 535 -19.80 -0.50 32.50
N ASN B 536 -20.15 0.36 33.43
CA ASN B 536 -21.46 1.00 33.42
C ASN B 536 -21.24 2.49 33.19
N ARG B 537 -21.26 2.89 31.92
CA ARG B 537 -21.10 4.29 31.58
C ARG B 537 -22.44 4.96 31.78
N SER B 538 -22.82 5.09 33.05
CA SER B 538 -24.08 5.70 33.45
C SER B 538 -23.84 6.44 34.76
N ASN B 539 -24.86 7.14 35.25
CA ASN B 539 -24.73 7.86 36.50
C ASN B 539 -25.76 7.33 37.49
N GLU B 540 -26.11 6.05 37.33
CA GLU B 540 -27.07 5.37 38.20
C GLU B 540 -26.76 3.89 38.23
N ALA B 541 -26.74 3.31 39.43
CA ALA B 541 -26.46 1.88 39.57
C ALA B 541 -27.12 1.08 38.45
N ALA B 542 -26.41 0.09 37.93
CA ALA B 542 -26.92 -0.74 36.84
C ALA B 542 -26.62 -2.23 37.01
N GLU B 543 -27.33 -3.04 36.25
CA GLU B 543 -27.20 -4.48 36.29
C GLU B 543 -26.74 -5.01 34.94
N ILE B 544 -25.44 -4.95 34.69
CA ILE B 544 -24.90 -5.44 33.42
C ILE B 544 -24.55 -6.93 33.52
N PRO B 545 -25.14 -7.76 32.65
CA PRO B 545 -24.88 -9.20 32.65
C PRO B 545 -23.54 -9.53 32.01
N MET B 546 -22.96 -10.65 32.42
CA MET B 546 -21.68 -11.08 31.91
C MET B 546 -21.70 -12.59 31.84
N PRO B 547 -21.49 -13.14 30.63
CA PRO B 547 -21.48 -14.60 30.47
C PRO B 547 -20.19 -15.27 30.90
N ILE B 548 -20.32 -16.36 31.64
CA ILE B 548 -19.17 -17.12 32.11
C ILE B 548 -19.09 -18.42 31.33
N ASP B 549 -17.87 -18.84 31.00
CA ASP B 549 -17.68 -20.08 30.25
C ASP B 549 -17.74 -21.27 31.20
N ALA B 550 -18.41 -22.33 30.77
CA ALA B 550 -18.56 -23.52 31.58
C ALA B 550 -17.21 -24.10 31.98
N ARG B 551 -16.23 -23.97 31.10
CA ARG B 551 -14.89 -24.49 31.36
C ARG B 551 -14.20 -23.71 32.48
N GLY B 552 -14.74 -22.54 32.83
CA GLY B 552 -14.15 -21.73 33.88
C GLY B 552 -14.30 -22.33 35.26
N LYS B 553 -13.21 -22.31 36.05
CA LYS B 553 -13.22 -22.85 37.41
C LYS B 553 -13.47 -21.72 38.41
N TRP B 554 -12.60 -20.72 38.40
CA TRP B 554 -12.74 -19.59 39.30
C TRP B 554 -13.17 -18.34 38.56
N LEU B 555 -13.32 -17.25 39.30
CA LEU B 555 -13.71 -15.99 38.71
C LEU B 555 -13.21 -14.92 39.66
N VAL B 556 -11.89 -14.83 39.79
CA VAL B 556 -11.28 -13.86 40.67
C VAL B 556 -11.47 -12.43 40.20
N ASN B 557 -12.00 -11.61 41.09
CA ASN B 557 -12.23 -10.20 40.83
C ASN B 557 -10.85 -9.59 41.05
N LEU B 558 -10.44 -8.70 40.16
CA LEU B 558 -9.14 -8.05 40.31
C LEU B 558 -9.38 -6.86 41.23
N LEU B 559 -8.33 -6.09 41.52
CA LEU B 559 -8.43 -4.94 42.40
C LEU B 559 -9.17 -5.13 43.74
N THR B 560 -9.71 -6.32 43.99
CA THR B 560 -10.39 -6.58 45.26
C THR B 560 -10.02 -7.97 45.76
N GLY B 561 -9.92 -8.92 44.84
CA GLY B 561 -9.56 -10.27 45.22
C GLY B 561 -10.71 -11.26 45.39
N GLU B 562 -11.92 -10.74 45.55
CA GLU B 562 -13.09 -11.60 45.72
C GLU B 562 -13.10 -12.65 44.62
N ARG B 563 -12.71 -13.88 44.96
CA ARG B 563 -12.65 -14.96 43.97
C ARG B 563 -13.74 -15.99 44.19
N PHE B 564 -14.71 -16.04 43.28
CA PHE B 564 -15.78 -17.02 43.39
C PHE B 564 -15.73 -18.02 42.25
N ALA B 565 -16.81 -18.78 42.10
CA ALA B 565 -16.87 -19.79 41.04
C ALA B 565 -17.99 -19.52 40.04
N ALA B 566 -17.73 -19.90 38.79
CA ALA B 566 -18.68 -19.72 37.70
C ALA B 566 -20.02 -20.35 38.03
N GLU B 567 -20.14 -21.64 37.73
CA GLU B 567 -21.36 -22.42 37.97
C GLU B 567 -22.62 -21.81 37.37
N ALA B 568 -22.46 -20.88 36.43
CA ALA B 568 -23.61 -20.25 35.79
C ALA B 568 -23.36 -19.97 34.31
N GLU B 569 -24.42 -19.61 33.61
CA GLU B 569 -24.35 -19.29 32.19
C GLU B 569 -24.16 -17.79 32.03
N THR B 570 -24.58 -17.05 33.05
CA THR B 570 -24.47 -15.59 33.06
C THR B 570 -24.35 -15.10 34.49
N LEU B 571 -23.82 -13.90 34.66
CA LEU B 571 -23.63 -13.33 35.99
C LEU B 571 -23.99 -11.85 35.98
N CYS B 572 -25.22 -11.54 36.37
CA CYS B 572 -25.69 -10.15 36.40
C CYS B 572 -24.86 -9.24 37.31
N VAL B 573 -23.84 -8.62 36.73
CA VAL B 573 -22.96 -7.72 37.46
C VAL B 573 -23.66 -6.41 37.82
N SER B 574 -23.69 -6.11 39.12
CA SER B 574 -24.32 -4.88 39.61
C SER B 574 -23.22 -3.87 39.87
N LEU B 575 -23.34 -2.70 39.25
CA LEU B 575 -22.32 -1.69 39.42
C LEU B 575 -22.91 -0.35 39.81
N PRO B 576 -22.15 0.46 40.55
CA PRO B 576 -22.59 1.77 41.01
C PRO B 576 -22.55 2.72 39.82
N PRO B 577 -22.98 3.97 40.02
CA PRO B 577 -23.00 4.98 38.97
C PRO B 577 -22.04 4.74 37.83
N TYR B 578 -20.81 5.25 37.92
CA TYR B 578 -19.86 5.06 36.83
C TYR B 578 -18.89 3.94 37.19
N GLY B 579 -19.42 2.94 37.87
CA GLY B 579 -18.61 1.81 38.29
C GLY B 579 -18.05 0.95 37.19
N PHE B 580 -17.31 -0.07 37.59
CA PHE B 580 -16.68 -1.00 36.66
C PHE B 580 -16.04 -2.12 37.46
N VAL B 581 -15.58 -3.15 36.77
CA VAL B 581 -14.93 -4.26 37.46
C VAL B 581 -14.25 -5.16 36.46
N LEU B 582 -13.18 -5.83 36.91
CA LEU B 582 -12.42 -6.75 36.08
C LEU B 582 -12.53 -8.16 36.64
N TYR B 583 -12.49 -9.15 35.76
CA TYR B 583 -12.55 -10.54 36.19
C TYR B 583 -11.53 -11.34 35.38
N ALA B 584 -10.90 -12.32 36.02
CA ALA B 584 -9.94 -13.15 35.33
C ALA B 584 -10.38 -14.59 35.46
N VAL B 585 -11.24 -15.02 34.54
CA VAL B 585 -11.74 -16.39 34.55
C VAL B 585 -10.61 -17.40 34.57
N GLU B 586 -10.80 -18.48 35.32
CA GLU B 586 -9.80 -19.54 35.44
C GLU B 586 -10.08 -20.61 34.38
N SER B 587 -9.82 -21.88 34.70
CA SER B 587 -10.07 -22.94 33.72
C SER B 587 -10.03 -24.35 34.31
N TRP B 588 -11.21 -24.94 34.49
CA TRP B 588 -11.35 -26.28 35.04
C TRP B 588 -12.83 -26.64 35.22
#